data_5DU8
#
_entry.id   5DU8
#
_cell.length_a   51.390
_cell.length_b   115.980
_cell.length_c   171.490
_cell.angle_alpha   90.00
_cell.angle_beta   90.00
_cell.angle_gamma   90.00
#
_symmetry.space_group_name_H-M   'P 21 21 21'
#
loop_
_entity.id
_entity.type
_entity.pdbx_description
1 polymer 'Probable enoyl-CoA hydratase echA6'
2 non-polymer (5R,7S)-5-(4-ethylphenyl)-N-[(5-fluoropyridin-2-yl)methyl]-7-(trifluoromethyl)-4,5,6,7-tetrahydropyrazolo[1,5-a]pyrimidine-3-carboxamide
3 water water
#
_entity_poly.entity_id   1
_entity_poly.type   'polypeptide(L)'
_entity_poly.pdbx_seq_one_letter_code
;MGSSHHHHHHSSGLVPRGSHMIGITQAEAVLTIELQRPERRNALNSQLVEELTQAIRKAGDGSARAIVLTGQGTAFCAGA
DLSGDAFAADYPDRLIELHKAMDASPMPVVGAINGPAIGAGLQLAMQCDLRVVAPDAFFQFPTSKYGLALDNWSIRRLSS
LVGHGRARAMLLSAEKLTAEIALHTGMANRIGTLADAQAWAAEIARLAPLAIQHAKRVLNDDGAIEEAWPAHKELFDKAW
GSQDVIEAQVARMEKRPPKFQGA
;
_entity_poly.pdbx_strand_id   A,B,C
#
# COMPACT_ATOMS: atom_id res chain seq x y z
N HIS A 20 -2.25 22.72 32.74
CA HIS A 20 -3.38 23.64 32.42
C HIS A 20 -4.04 23.34 31.05
N MET A 21 -3.29 22.85 30.09
CA MET A 21 -3.86 22.58 28.75
C MET A 21 -4.11 21.11 28.42
N ILE A 22 -3.61 20.20 29.25
CA ILE A 22 -3.94 18.80 29.12
C ILE A 22 -4.38 18.20 30.44
N GLY A 23 -5.22 17.16 30.36
CA GLY A 23 -5.54 16.35 31.53
C GLY A 23 -4.82 15.03 31.40
N ILE A 24 -4.37 14.50 32.53
CA ILE A 24 -3.60 13.28 32.57
C ILE A 24 -4.16 12.42 33.69
N THR A 25 -4.67 11.25 33.34
CA THR A 25 -5.11 10.28 34.34
C THR A 25 -4.60 8.88 34.03
N GLN A 26 -4.54 8.04 35.05
CA GLN A 26 -4.03 6.69 34.89
C GLN A 26 -4.95 5.65 35.52
N ALA A 27 -5.30 4.65 34.73
CA ALA A 27 -6.17 3.58 35.17
C ALA A 27 -5.57 2.29 34.66
N GLU A 28 -5.54 1.29 35.54
CA GLU A 28 -4.78 0.09 35.30
C GLU A 28 -3.33 0.56 35.04
N ALA A 29 -2.82 0.23 33.86
CA ALA A 29 -1.48 0.60 33.43
C ALA A 29 -1.59 1.43 32.14
N VAL A 30 -2.68 2.17 32.03
CA VAL A 30 -2.92 3.00 30.86
C VAL A 30 -2.91 4.48 31.24
N LEU A 31 -2.05 5.25 30.59
CA LEU A 31 -2.04 6.68 30.83
C LEU A 31 -2.92 7.37 29.80
N THR A 32 -3.98 8.01 30.26
CA THR A 32 -4.80 8.83 29.36
C THR A 32 -4.37 10.29 29.41
N ILE A 33 -3.96 10.79 28.25
CA ILE A 33 -3.64 12.19 28.07
C ILE A 33 -4.76 12.82 27.27
N GLU A 34 -5.40 13.84 27.84
CA GLU A 34 -6.48 14.53 27.17
C GLU A 34 -6.13 15.98 26.81
N LEU A 35 -6.23 16.32 25.52
CA LEU A 35 -6.11 17.71 25.05
C LEU A 35 -7.28 18.55 25.59
N GLN A 36 -6.98 19.65 26.27
CA GLN A 36 -8.02 20.45 26.95
C GLN A 36 -8.07 21.92 26.52
N ARG A 37 -8.28 22.12 25.23
CA ARG A 37 -8.66 23.42 24.67
C ARG A 37 -9.92 23.22 23.82
N PRO A 38 -11.02 22.75 24.42
CA PRO A 38 -12.22 22.49 23.60
C PRO A 38 -12.74 23.78 22.94
N GLU A 39 -12.55 24.91 23.60
CA GLU A 39 -13.06 26.20 23.10
C GLU A 39 -12.44 26.60 21.75
N ARG A 40 -11.27 26.05 21.43
CA ARG A 40 -10.65 26.22 20.12
C ARG A 40 -10.51 24.87 19.39
N ARG A 41 -11.42 23.96 19.69
CA ARG A 41 -11.43 22.60 19.09
C ARG A 41 -10.04 21.94 19.16
N ASN A 42 -9.41 22.12 20.33
CA ASN A 42 -8.10 21.56 20.66
C ASN A 42 -6.93 21.94 19.71
N ALA A 43 -6.99 23.14 19.12
CA ALA A 43 -5.89 23.58 18.24
C ALA A 43 -4.60 23.64 19.05
N LEU A 44 -3.53 23.19 18.43
CA LEU A 44 -2.21 23.12 19.05
C LEU A 44 -1.55 24.49 19.08
N ASN A 45 -1.36 25.05 20.27
CA ASN A 45 -0.47 26.19 20.42
C ASN A 45 0.81 25.78 21.16
N SER A 46 1.63 26.77 21.54
CA SER A 46 2.94 26.53 22.16
C SER A 46 2.86 25.74 23.45
N GLN A 47 2.00 26.22 24.34
CA GLN A 47 1.85 25.64 25.67
C GLN A 47 1.30 24.22 25.62
N LEU A 48 0.32 23.99 24.75
CA LEU A 48 -0.26 22.68 24.58
C LEU A 48 0.75 21.72 23.98
N VAL A 49 1.53 22.18 22.99
CA VAL A 49 2.55 21.35 22.36
C VAL A 49 3.67 21.00 23.36
N GLU A 50 4.08 21.98 24.16
CA GLU A 50 5.12 21.77 25.17
C GLU A 50 4.65 20.78 26.26
N GLU A 51 3.45 20.99 26.80
CA GLU A 51 2.90 20.09 27.81
C GLU A 51 2.67 18.69 27.29
N LEU A 52 2.32 18.56 26.02
CA LEU A 52 2.08 17.25 25.43
C LEU A 52 3.40 16.50 25.25
N THR A 53 4.44 17.23 24.86
CA THR A 53 5.80 16.72 24.77
C THR A 53 6.30 16.18 26.11
N GLN A 54 6.20 16.99 27.17
CA GLN A 54 6.60 16.55 28.52
C GLN A 54 5.80 15.32 28.99
N ALA A 55 4.50 15.31 28.72
CA ALA A 55 3.64 14.21 29.14
C ALA A 55 4.04 12.89 28.49
N ILE A 56 4.30 12.91 27.18
CA ILE A 56 4.78 11.73 26.45
C ILE A 56 6.13 11.27 27.02
N ARG A 57 7.06 12.21 27.23
CA ARG A 57 8.40 11.91 27.75
C ARG A 57 8.38 11.32 29.15
N LYS A 58 7.50 11.81 30.01
CA LYS A 58 7.42 11.37 31.41
C LYS A 58 6.48 10.17 31.58
N ALA A 59 5.85 9.75 30.49
CA ALA A 59 4.84 8.69 30.51
C ALA A 59 5.34 7.36 31.10
N GLY A 60 6.62 7.06 30.89
CA GLY A 60 7.20 5.83 31.39
C GLY A 60 7.62 5.85 32.86
N ASP A 61 7.66 7.04 33.46
CA ASP A 61 8.18 7.21 34.83
C ASP A 61 7.45 6.39 35.90
N GLY A 62 6.14 6.25 35.77
CA GLY A 62 5.35 5.40 36.67
C GLY A 62 5.27 3.98 36.14
N SER A 63 4.09 3.38 36.23
CA SER A 63 3.91 2.00 35.84
C SER A 63 3.12 1.80 34.55
N ALA A 64 2.91 2.85 33.77
CA ALA A 64 2.08 2.75 32.58
C ALA A 64 2.83 2.05 31.45
N ARG A 65 2.10 1.28 30.64
CA ARG A 65 2.72 0.55 29.54
C ARG A 65 2.08 0.85 28.20
N ALA A 66 1.03 1.69 28.24
CA ALA A 66 0.38 2.15 27.03
C ALA A 66 -0.17 3.55 27.28
N ILE A 67 -0.36 4.31 26.20
CA ILE A 67 -0.93 5.66 26.31
C ILE A 67 -2.22 5.75 25.52
N VAL A 68 -3.18 6.50 26.05
CA VAL A 68 -4.33 6.88 25.24
C VAL A 68 -4.35 8.39 25.05
N LEU A 69 -4.45 8.82 23.80
CA LEU A 69 -4.41 10.23 23.49
C LEU A 69 -5.72 10.64 22.84
N THR A 70 -6.36 11.64 23.43
CA THR A 70 -7.68 12.03 23.01
C THR A 70 -7.89 13.53 23.23
N GLY A 71 -8.97 14.07 22.65
CA GLY A 71 -9.33 15.46 22.87
C GLY A 71 -10.63 15.65 23.61
N GLN A 72 -10.70 16.72 24.42
CA GLN A 72 -11.93 17.09 25.12
C GLN A 72 -12.89 17.76 24.14
N GLY A 73 -14.20 17.59 24.35
CA GLY A 73 -15.23 18.17 23.48
C GLY A 73 -15.41 17.45 22.15
N THR A 74 -15.84 18.17 21.13
CA THR A 74 -16.30 17.56 19.89
C THR A 74 -15.21 17.29 18.85
N ALA A 75 -14.04 17.92 19.00
CA ALA A 75 -12.94 17.72 18.07
C ALA A 75 -11.79 16.96 18.72
N PHE A 76 -11.08 16.15 17.92
CA PHE A 76 -9.78 15.63 18.35
C PHE A 76 -8.75 16.76 18.33
N CYS A 77 -8.54 17.36 17.15
CA CYS A 77 -7.67 18.54 17.00
C CYS A 77 -7.94 19.20 15.65
N ALA A 78 -8.42 20.44 15.69
CA ALA A 78 -8.83 21.15 14.45
C ALA A 78 -7.70 21.80 13.67
N GLY A 79 -6.47 21.71 14.17
CA GLY A 79 -5.31 22.28 13.49
C GLY A 79 -4.29 22.95 14.39
N ALA A 80 -3.57 23.92 13.84
CA ALA A 80 -2.49 24.61 14.57
C ALA A 80 -2.90 26.04 14.91
N ASP A 81 -2.28 26.61 15.93
CA ASP A 81 -2.71 27.88 16.51
C ASP A 81 -1.55 28.60 17.22
N PRO A 92 7.69 25.75 13.67
CA PRO A 92 7.65 24.31 13.43
C PRO A 92 8.46 23.48 14.44
N ASP A 93 9.34 24.14 15.19
CA ASP A 93 10.36 23.49 16.01
C ASP A 93 9.82 22.66 17.19
N ARG A 94 8.94 23.26 17.99
CA ARG A 94 8.35 22.57 19.13
C ARG A 94 7.48 21.42 18.62
N LEU A 95 6.77 21.67 17.53
CA LEU A 95 5.90 20.69 16.90
C LEU A 95 6.68 19.46 16.43
N ILE A 96 7.82 19.71 15.79
CA ILE A 96 8.73 18.65 15.35
C ILE A 96 9.23 17.83 16.54
N GLU A 97 9.52 18.52 17.64
CA GLU A 97 9.99 17.86 18.86
C GLU A 97 8.91 16.98 19.46
N LEU A 98 7.65 17.40 19.33
CA LEU A 98 6.53 16.59 19.79
C LEU A 98 6.46 15.26 19.02
N HIS A 99 6.56 15.35 17.70
CA HIS A 99 6.56 14.16 16.85
C HIS A 99 7.73 13.27 17.15
N LYS A 100 8.92 13.86 17.28
CA LYS A 100 10.10 13.11 17.72
C LYS A 100 9.86 12.36 19.04
N ALA A 101 9.22 13.01 20.00
CA ALA A 101 8.99 12.40 21.31
C ALA A 101 8.04 11.21 21.20
N MET A 102 7.06 11.32 20.30
CA MET A 102 6.09 10.25 20.12
C MET A 102 6.71 9.11 19.35
N ASP A 103 7.46 9.45 18.31
CA ASP A 103 8.17 8.46 17.52
C ASP A 103 9.21 7.74 18.38
N ALA A 104 9.86 8.44 19.31
CA ALA A 104 10.90 7.82 20.12
C ALA A 104 10.37 7.10 21.37
N SER A 105 9.10 7.28 21.70
CA SER A 105 8.57 6.70 22.92
C SER A 105 8.49 5.16 22.86
N PRO A 106 8.94 4.46 23.92
CA PRO A 106 8.80 3.01 23.92
C PRO A 106 7.36 2.55 24.09
N MET A 107 6.47 3.41 24.57
CA MET A 107 5.08 3.02 24.71
C MET A 107 4.17 3.30 23.53
N PRO A 108 3.32 2.32 23.17
CA PRO A 108 2.34 2.48 22.12
C PRO A 108 1.30 3.52 22.52
N VAL A 109 0.97 4.39 21.57
CA VAL A 109 -0.03 5.42 21.79
C VAL A 109 -1.29 5.06 20.99
N VAL A 110 -2.40 4.90 21.71
CA VAL A 110 -3.69 4.64 21.06
C VAL A 110 -4.41 5.97 20.92
N GLY A 111 -4.62 6.38 19.68
CA GLY A 111 -5.32 7.63 19.44
C GLY A 111 -6.81 7.36 19.57
N ALA A 112 -7.45 8.01 20.53
CA ALA A 112 -8.90 7.97 20.59
C ALA A 112 -9.40 9.24 19.89
N ILE A 113 -9.52 9.16 18.56
CA ILE A 113 -9.88 10.28 17.68
C ILE A 113 -11.39 10.54 17.77
N ASN A 114 -11.75 11.35 18.77
CA ASN A 114 -13.13 11.57 19.17
C ASN A 114 -13.89 12.49 18.22
N GLY A 115 -13.17 13.17 17.34
CA GLY A 115 -13.80 14.12 16.41
C GLY A 115 -12.82 14.52 15.32
N PRO A 116 -13.15 15.58 14.56
CA PRO A 116 -12.30 15.98 13.44
C PRO A 116 -10.81 16.12 13.81
N ALA A 117 -9.96 15.57 12.95
CA ALA A 117 -8.53 15.76 13.01
C ALA A 117 -8.13 16.41 11.68
N ILE A 118 -7.75 17.67 11.76
CA ILE A 118 -7.54 18.50 10.57
C ILE A 118 -6.13 19.09 10.64
N GLY A 119 -5.39 18.93 9.55
CA GLY A 119 -4.07 19.59 9.39
C GLY A 119 -3.06 19.07 10.39
N ALA A 120 -2.54 19.94 11.25
CA ALA A 120 -1.64 19.54 12.34
C ALA A 120 -2.30 18.48 13.23
N GLY A 121 -3.64 18.50 13.29
CA GLY A 121 -4.41 17.51 14.06
C GLY A 121 -4.40 16.13 13.44
N LEU A 122 -4.52 16.08 12.12
CA LEU A 122 -4.34 14.84 11.37
C LEU A 122 -2.91 14.30 11.55
N GLN A 123 -1.93 15.21 11.41
CA GLN A 123 -0.52 14.82 11.65
C GLN A 123 -0.35 14.14 13.00
N LEU A 124 -0.91 14.74 14.03
CA LEU A 124 -0.90 14.21 15.38
C LEU A 124 -1.61 12.86 15.42
N ALA A 125 -2.77 12.74 14.79
CA ALA A 125 -3.48 11.47 14.79
C ALA A 125 -2.64 10.36 14.11
N MET A 126 -1.92 10.72 13.05
CA MET A 126 -1.09 9.77 12.28
C MET A 126 0.19 9.35 13.00
N GLN A 127 0.59 10.14 14.00
CA GLN A 127 1.79 9.85 14.78
C GLN A 127 1.45 8.87 15.92
N CYS A 128 0.17 8.73 16.23
CA CYS A 128 -0.27 7.63 17.10
C CYS A 128 0.07 6.28 16.48
N ASP A 129 0.25 5.28 17.32
CA ASP A 129 0.58 3.96 16.83
C ASP A 129 -0.64 3.22 16.31
N LEU A 130 -1.79 3.51 16.91
CA LEU A 130 -3.06 2.88 16.58
C LEU A 130 -4.18 3.91 16.79
N ARG A 131 -5.31 3.68 16.13
CA ARG A 131 -6.39 4.64 16.08
C ARG A 131 -7.79 4.01 16.27
N VAL A 132 -8.51 4.52 17.29
CA VAL A 132 -9.91 4.21 17.53
C VAL A 132 -10.71 5.47 17.22
N VAL A 133 -11.61 5.40 16.24
CA VAL A 133 -12.19 6.60 15.65
C VAL A 133 -13.68 6.69 15.90
N ALA A 134 -14.14 7.83 16.43
CA ALA A 134 -15.56 8.07 16.66
C ALA A 134 -16.29 8.12 15.31
N PRO A 135 -17.53 7.60 15.24
CA PRO A 135 -18.30 7.57 13.99
C PRO A 135 -18.41 8.94 13.28
N ASP A 136 -18.45 10.03 14.04
CA ASP A 136 -18.56 11.35 13.43
C ASP A 136 -17.22 12.06 13.16
N ALA A 137 -16.10 11.40 13.44
CA ALA A 137 -14.82 12.02 13.17
C ALA A 137 -14.54 12.00 11.67
N PHE A 138 -13.78 12.98 11.20
CA PHE A 138 -13.21 12.97 9.86
C PHE A 138 -11.76 13.49 9.87
N PHE A 139 -11.02 13.15 8.82
CA PHE A 139 -9.61 13.48 8.69
C PHE A 139 -9.43 14.34 7.45
N GLN A 140 -8.56 15.35 7.50
CA GLN A 140 -8.37 16.25 6.35
C GLN A 140 -7.09 17.08 6.39
N PHE A 141 -6.41 17.17 5.24
CA PHE A 141 -5.42 18.21 4.98
C PHE A 141 -6.04 19.23 4.05
N PRO A 142 -6.42 20.38 4.59
CA PRO A 142 -6.96 21.39 3.69
C PRO A 142 -5.88 22.27 3.00
N THR A 143 -4.64 21.78 2.93
CA THR A 143 -3.50 22.57 2.40
C THR A 143 -3.73 23.21 1.03
N SER A 144 -4.32 22.46 0.09
CA SER A 144 -4.62 22.98 -1.24
C SER A 144 -5.67 24.10 -1.21
N LYS A 145 -6.52 24.11 -0.18
CA LYS A 145 -7.44 25.24 -0.02
C LYS A 145 -6.70 26.46 0.48
N TYR A 146 -5.58 26.25 1.14
CA TYR A 146 -4.86 27.33 1.79
C TYR A 146 -3.58 27.80 1.09
N GLY A 147 -3.16 27.07 0.06
CA GLY A 147 -1.93 27.38 -0.66
C GLY A 147 -0.65 27.00 0.05
N LEU A 148 -0.75 26.09 1.02
CA LEU A 148 0.39 25.70 1.81
C LEU A 148 0.99 24.43 1.25
N ALA A 149 2.00 23.90 1.93
CA ALA A 149 2.64 22.65 1.52
C ALA A 149 3.09 21.92 2.76
N LEU A 150 3.05 20.61 2.71
CA LEU A 150 3.32 19.74 3.84
C LEU A 150 4.76 19.24 3.79
N ASP A 151 5.25 18.75 4.92
CA ASP A 151 6.52 18.03 4.98
C ASP A 151 6.34 16.65 4.36
N ASN A 152 7.43 16.01 3.96
CA ASN A 152 7.32 14.70 3.30
C ASN A 152 6.70 13.60 4.16
N TRP A 153 6.92 13.65 5.47
CA TRP A 153 6.42 12.59 6.34
C TRP A 153 4.90 12.60 6.35
N SER A 154 4.29 13.78 6.44
CA SER A 154 2.86 13.88 6.42
C SER A 154 2.28 13.23 5.18
N ILE A 155 2.93 13.44 4.04
CA ILE A 155 2.49 12.85 2.78
C ILE A 155 2.70 11.33 2.74
N ARG A 156 3.83 10.86 3.23
CA ARG A 156 4.17 9.45 3.12
C ARG A 156 3.38 8.63 4.14
N ARG A 157 3.17 9.17 5.34
CA ARG A 157 2.44 8.43 6.34
C ARG A 157 0.99 8.33 5.87
N LEU A 158 0.47 9.44 5.33
CA LEU A 158 -0.90 9.46 4.80
C LEU A 158 -1.09 8.40 3.70
N SER A 159 -0.20 8.39 2.70
CA SER A 159 -0.29 7.36 1.65
C SER A 159 -0.29 5.95 2.22
N SER A 160 0.53 5.68 3.23
CA SER A 160 0.62 4.35 3.83
C SER A 160 -0.68 3.96 4.50
N LEU A 161 -1.40 4.96 5.03
CA LEU A 161 -2.57 4.72 5.88
C LEU A 161 -3.90 4.74 5.14
N VAL A 162 -4.01 5.56 4.09
CA VAL A 162 -5.24 5.61 3.28
C VAL A 162 -5.05 5.01 1.90
N GLY A 163 -3.81 4.72 1.53
CA GLY A 163 -3.53 4.22 0.18
C GLY A 163 -3.14 5.42 -0.68
N HIS A 164 -2.25 5.20 -1.64
CA HIS A 164 -1.73 6.28 -2.44
C HIS A 164 -2.81 7.03 -3.21
N GLY A 165 -3.76 6.27 -3.75
CA GLY A 165 -4.85 6.85 -4.53
C GLY A 165 -5.71 7.85 -3.76
N ARG A 166 -6.11 7.49 -2.54
CA ARG A 166 -6.94 8.39 -1.75
C ARG A 166 -6.10 9.53 -1.18
N ALA A 167 -4.83 9.25 -0.91
CA ALA A 167 -3.89 10.30 -0.54
C ALA A 167 -3.81 11.38 -1.61
N ARG A 168 -3.77 10.98 -2.88
CA ARG A 168 -3.76 11.96 -3.97
C ARG A 168 -4.97 12.90 -3.92
N ALA A 169 -6.15 12.35 -3.66
CA ALA A 169 -7.37 13.13 -3.57
C ALA A 169 -7.38 14.03 -2.32
N MET A 170 -6.93 13.50 -1.19
CA MET A 170 -6.83 14.28 0.03
C MET A 170 -5.84 15.45 -0.13
N LEU A 171 -4.71 15.16 -0.75
CA LEU A 171 -3.69 16.17 -0.91
C LEU A 171 -4.03 17.14 -2.01
N LEU A 172 -4.40 16.63 -3.19
CA LEU A 172 -4.66 17.51 -4.35
C LEU A 172 -6.00 18.27 -4.34
N SER A 173 -6.98 17.82 -3.55
CA SER A 173 -8.29 18.47 -3.61
C SER A 173 -8.98 18.62 -2.25
N ALA A 174 -8.21 18.52 -1.17
CA ALA A 174 -8.71 18.73 0.20
C ALA A 174 -9.85 17.78 0.59
N GLU A 175 -9.90 16.60 -0.03
CA GLU A 175 -10.96 15.64 0.24
C GLU A 175 -10.98 15.22 1.73
N LYS A 176 -12.17 15.21 2.31
CA LYS A 176 -12.35 14.68 3.67
C LYS A 176 -12.38 13.17 3.64
N LEU A 177 -11.74 12.57 4.62
CA LEU A 177 -11.77 11.14 4.87
C LEU A 177 -12.69 10.88 6.06
N THR A 178 -13.83 10.24 5.81
CA THR A 178 -14.80 9.93 6.85
C THR A 178 -14.34 8.75 7.69
N ALA A 179 -14.90 8.66 8.89
CA ALA A 179 -14.61 7.56 9.79
C ALA A 179 -14.75 6.20 9.06
N GLU A 180 -15.82 6.07 8.30
CA GLU A 180 -16.15 4.86 7.58
C GLU A 180 -15.13 4.51 6.51
N ILE A 181 -14.70 5.50 5.71
CA ILE A 181 -13.65 5.24 4.72
C ILE A 181 -12.32 4.97 5.45
N ALA A 182 -12.08 5.68 6.56
CA ALA A 182 -10.87 5.48 7.36
C ALA A 182 -10.73 4.05 7.89
N LEU A 183 -11.84 3.47 8.37
CA LEU A 183 -11.89 2.06 8.73
C LEU A 183 -11.61 1.15 7.51
N HIS A 184 -12.23 1.46 6.38
CA HIS A 184 -11.99 0.73 5.14
C HIS A 184 -10.51 0.68 4.78
N THR A 185 -9.78 1.79 4.95
CA THR A 185 -8.37 1.83 4.50
C THR A 185 -7.33 1.40 5.54
N GLY A 186 -7.71 1.45 6.81
CA GLY A 186 -6.77 1.10 7.86
C GLY A 186 -6.24 2.32 8.58
N MET A 187 -6.61 3.52 8.13
CA MET A 187 -6.37 4.74 8.91
C MET A 187 -7.02 4.62 10.30
N ALA A 188 -8.28 4.17 10.36
CA ALA A 188 -8.90 3.75 11.63
C ALA A 188 -8.77 2.24 11.75
N ASN A 189 -8.27 1.81 12.92
CA ASN A 189 -8.16 0.40 13.25
C ASN A 189 -9.50 -0.13 13.69
N ARG A 190 -10.23 0.72 14.42
CA ARG A 190 -11.55 0.40 14.92
C ARG A 190 -12.35 1.68 14.99
N ILE A 191 -13.66 1.55 14.83
CA ILE A 191 -14.56 2.65 15.08
C ILE A 191 -15.15 2.42 16.47
N GLY A 192 -15.03 3.42 17.34
CA GLY A 192 -15.61 3.33 18.68
C GLY A 192 -15.27 4.50 19.57
N THR A 193 -15.45 4.32 20.87
CA THR A 193 -15.35 5.41 21.85
C THR A 193 -13.98 5.45 22.52
N LEU A 194 -13.77 6.51 23.30
CA LEU A 194 -12.64 6.59 24.21
C LEU A 194 -12.57 5.35 25.12
N ALA A 195 -13.71 4.92 25.69
CA ALA A 195 -13.77 3.71 26.53
C ALA A 195 -13.25 2.48 25.80
N ASP A 196 -13.53 2.38 24.51
CA ASP A 196 -13.09 1.25 23.71
C ASP A 196 -11.60 1.31 23.51
N ALA A 197 -11.06 2.52 23.34
CA ALA A 197 -9.64 2.73 23.12
C ALA A 197 -8.85 2.38 24.38
N GLN A 198 -9.43 2.72 25.54
CA GLN A 198 -8.79 2.43 26.82
C GLN A 198 -8.80 0.93 27.16
N ALA A 199 -9.86 0.24 26.73
CA ALA A 199 -9.98 -1.20 26.92
C ALA A 199 -8.90 -1.89 26.07
N TRP A 200 -8.76 -1.45 24.83
CA TRP A 200 -7.73 -1.99 23.96
C TRP A 200 -6.34 -1.66 24.46
N ALA A 201 -6.15 -0.43 24.96
CA ALA A 201 -4.85 -0.03 25.47
C ALA A 201 -4.47 -0.88 26.70
N ALA A 202 -5.46 -1.20 27.53
CA ALA A 202 -5.21 -2.05 28.70
C ALA A 202 -4.74 -3.46 28.29
N GLU A 203 -5.38 -4.04 27.28
CA GLU A 203 -4.90 -5.29 26.68
C GLU A 203 -3.45 -5.17 26.18
N ILE A 204 -3.17 -4.11 25.41
CA ILE A 204 -1.84 -3.87 24.86
C ILE A 204 -0.81 -3.73 25.98
N ALA A 205 -1.18 -2.99 27.04
CA ALA A 205 -0.33 -2.87 28.23
C ALA A 205 -0.01 -4.21 28.92
N ARG A 206 -0.72 -5.29 28.56
CA ARG A 206 -0.42 -6.60 29.14
C ARG A 206 0.48 -7.41 28.22
N LEU A 207 0.77 -6.89 27.03
CA LEU A 207 1.68 -7.59 26.09
C LEU A 207 3.17 -7.31 26.36
N ALA A 208 4.06 -8.01 25.67
CA ALA A 208 5.51 -7.93 26.00
C ALA A 208 6.15 -6.64 25.46
N PRO A 209 6.57 -5.74 26.38
CA PRO A 209 6.90 -4.39 25.95
C PRO A 209 8.05 -4.34 24.92
N LEU A 210 9.02 -5.22 25.05
CA LEU A 210 10.14 -5.26 24.11
C LEU A 210 9.71 -5.67 22.70
N ALA A 211 8.73 -6.58 22.59
CA ALA A 211 8.21 -6.95 21.27
C ALA A 211 7.52 -5.75 20.65
N ILE A 212 6.79 -5.03 21.49
CA ILE A 212 6.05 -3.86 21.04
C ILE A 212 7.02 -2.78 20.59
N GLN A 213 8.05 -2.52 21.39
CA GLN A 213 9.08 -1.52 21.05
C GLN A 213 9.71 -1.82 19.70
N HIS A 214 10.10 -3.07 19.48
CA HIS A 214 10.76 -3.46 18.26
C HIS A 214 9.88 -3.18 17.07
N ALA A 215 8.62 -3.63 17.16
CA ALA A 215 7.69 -3.52 16.04
C ALA A 215 7.34 -2.08 15.74
N LYS A 216 7.18 -1.26 16.77
CA LYS A 216 6.96 0.17 16.61
C LYS A 216 8.15 0.83 15.85
N ARG A 217 9.38 0.57 16.29
CA ARG A 217 10.57 1.13 15.65
C ARG A 217 10.61 0.74 14.16
N VAL A 218 10.50 -0.55 13.85
CA VAL A 218 10.59 -1.02 12.46
C VAL A 218 9.49 -0.39 11.61
N LEU A 219 8.26 -0.36 12.14
CA LEU A 219 7.14 0.17 11.37
C LEU A 219 7.32 1.66 11.08
N ASN A 220 7.80 2.42 12.06
CA ASN A 220 8.06 3.85 11.89
C ASN A 220 9.21 4.13 10.94
N ASP A 221 10.11 3.17 10.83
CA ASP A 221 11.20 3.26 9.86
C ASP A 221 10.85 2.65 8.50
N ASP A 222 9.59 2.75 8.08
CA ASP A 222 9.20 2.25 6.74
C ASP A 222 9.71 3.15 5.60
N GLY A 223 10.23 4.34 5.93
CA GLY A 223 10.68 5.30 4.92
C GLY A 223 9.82 6.54 4.91
N ALA A 224 8.74 6.53 5.69
CA ALA A 224 7.90 7.72 5.82
C ALA A 224 8.69 8.92 6.33
N ILE A 225 9.65 8.66 7.21
CA ILE A 225 10.46 9.74 7.76
C ILE A 225 11.52 10.08 6.73
N GLU A 226 11.21 11.05 5.89
CA GLU A 226 11.95 11.29 4.67
C GLU A 226 12.30 12.77 4.58
N GLU A 227 13.59 13.04 4.38
CA GLU A 227 14.08 14.38 4.11
C GLU A 227 13.57 14.85 2.74
N ALA A 228 12.96 16.03 2.68
CA ALA A 228 12.52 16.68 1.41
C ALA A 228 13.65 16.70 0.38
N TRP A 229 13.36 16.34 -0.87
CA TRP A 229 14.34 16.46 -1.96
C TRP A 229 14.52 17.90 -2.31
N PRO A 230 15.62 18.24 -3.03
CA PRO A 230 15.81 19.63 -3.44
C PRO A 230 14.56 20.27 -4.10
N ALA A 231 13.98 19.60 -5.10
CA ALA A 231 12.78 20.15 -5.79
C ALA A 231 11.56 20.29 -4.87
N HIS A 232 11.42 19.40 -3.90
CA HIS A 232 10.36 19.53 -2.89
C HIS A 232 10.52 20.79 -2.07
N LYS A 233 11.74 21.03 -1.60
CA LYS A 233 12.02 22.22 -0.80
C LYS A 233 11.73 23.51 -1.58
N GLU A 234 12.21 23.57 -2.83
CA GLU A 234 11.89 24.70 -3.71
C GLU A 234 10.38 24.95 -3.81
N LEU A 235 9.60 23.91 -4.17
CA LEU A 235 8.14 24.02 -4.25
C LEU A 235 7.50 24.36 -2.91
N PHE A 236 8.09 23.85 -1.81
CA PHE A 236 7.57 24.09 -0.46
C PHE A 236 7.70 25.58 -0.13
N ASP A 237 8.89 26.13 -0.39
CA ASP A 237 9.19 27.52 -0.08
C ASP A 237 8.42 28.44 -0.98
N LYS A 238 8.23 28.03 -2.24
CA LYS A 238 7.47 28.83 -3.20
C LYS A 238 6.02 28.96 -2.74
N ALA A 239 5.38 27.83 -2.40
CA ALA A 239 4.01 27.85 -1.86
C ALA A 239 3.87 28.72 -0.60
N TRP A 240 4.73 28.50 0.38
CA TRP A 240 4.68 29.21 1.67
C TRP A 240 4.90 30.70 1.58
N GLY A 241 5.76 31.11 0.65
CA GLY A 241 6.07 32.53 0.46
C GLY A 241 5.24 33.23 -0.61
N SER A 242 4.19 32.57 -1.08
CA SER A 242 3.44 33.09 -2.23
C SER A 242 2.31 34.02 -1.82
N GLN A 243 1.89 34.84 -2.79
CA GLN A 243 0.75 35.74 -2.63
C GLN A 243 -0.58 35.01 -2.39
N ASP A 244 -0.74 33.82 -2.97
CA ASP A 244 -1.94 32.99 -2.82
C ASP A 244 -2.26 32.59 -1.38
N VAL A 245 -1.23 32.55 -0.53
CA VAL A 245 -1.43 32.28 0.90
C VAL A 245 -2.24 33.43 1.51
N ILE A 246 -1.94 34.66 1.09
CA ILE A 246 -2.65 35.82 1.60
C ILE A 246 -4.09 35.83 1.08
N GLU A 247 -4.25 35.54 -0.21
CA GLU A 247 -5.57 35.54 -0.84
C GLU A 247 -6.51 34.50 -0.20
N ALA A 248 -5.97 33.32 0.13
CA ALA A 248 -6.74 32.27 0.79
C ALA A 248 -7.23 32.66 2.18
N GLN A 249 -6.41 33.39 2.93
CA GLN A 249 -6.76 33.84 4.27
C GLN A 249 -7.86 34.91 4.21
N VAL A 250 -7.72 35.84 3.26
CA VAL A 250 -8.68 36.93 3.09
C VAL A 250 -10.05 36.45 2.61
N ALA A 251 -10.05 35.56 1.62
CA ALA A 251 -11.29 34.93 1.13
C ALA A 251 -12.02 34.10 2.19
N ARG A 252 -11.27 33.30 2.96
CA ARG A 252 -11.86 32.47 4.02
C ARG A 252 -12.41 33.34 5.14
N MET A 253 -11.72 34.45 5.40
CA MET A 253 -12.10 35.37 6.46
C MET A 253 -13.36 36.13 6.05
N GLU A 254 -13.55 36.27 4.74
CA GLU A 254 -14.70 36.97 4.19
C GLU A 254 -15.78 36.01 3.71
N LYS A 255 -15.55 34.72 3.85
CA LYS A 255 -16.45 33.67 3.35
C LYS A 255 -16.88 33.96 1.90
N ARG A 256 -15.90 33.92 0.99
CA ARG A 256 -16.12 34.10 -0.43
C ARG A 256 -15.11 33.22 -1.16
N PRO A 257 -15.38 32.85 -2.43
CA PRO A 257 -14.41 32.00 -3.14
C PRO A 257 -13.09 32.72 -3.48
N PRO A 258 -11.95 32.04 -3.24
CA PRO A 258 -10.64 32.63 -3.55
C PRO A 258 -10.36 32.76 -5.05
N LYS A 259 -9.74 33.87 -5.46
CA LYS A 259 -9.23 33.99 -6.82
C LYS A 259 -7.70 33.82 -6.83
N PHE A 260 -7.23 32.58 -6.82
CA PHE A 260 -5.79 32.31 -6.80
C PHE A 260 -5.09 32.72 -8.11
N GLN A 261 -3.81 33.05 -8.01
CA GLN A 261 -3.01 33.52 -9.15
C GLN A 261 -1.91 32.53 -9.57
N GLY A 262 -1.59 31.59 -8.70
CA GLY A 262 -0.52 30.64 -8.97
C GLY A 262 0.84 31.25 -8.73
N ALA A 263 0.86 32.34 -7.98
CA ALA A 263 2.08 33.03 -7.56
C ALA A 263 1.94 33.46 -6.08
N HIS B 20 9.27 -38.03 3.75
CA HIS B 20 8.18 -38.51 4.68
C HIS B 20 7.13 -37.46 5.09
N MET B 21 7.53 -36.20 5.26
CA MET B 21 6.63 -35.18 5.83
C MET B 21 5.91 -34.21 4.87
N ILE B 22 6.00 -34.47 3.56
CA ILE B 22 5.25 -33.71 2.57
C ILE B 22 4.60 -34.66 1.56
N GLY B 23 3.49 -34.24 0.96
CA GLY B 23 2.91 -34.95 -0.18
C GLY B 23 3.11 -34.17 -1.46
N ILE B 24 3.55 -34.84 -2.52
CA ILE B 24 3.77 -34.18 -3.81
C ILE B 24 2.99 -34.91 -4.90
N THR B 25 2.10 -34.20 -5.58
CA THR B 25 1.33 -34.74 -6.69
C THR B 25 1.33 -33.72 -7.82
N GLN B 26 1.07 -34.17 -9.03
CA GLN B 26 1.08 -33.31 -10.19
C GLN B 26 -0.08 -33.63 -11.12
N ALA B 27 -0.90 -32.64 -11.41
CA ALA B 27 -1.99 -32.78 -12.38
C ALA B 27 -1.99 -31.58 -13.32
N GLU B 28 -2.21 -31.87 -14.61
CA GLU B 28 -1.99 -30.87 -15.64
C GLU B 28 -0.52 -30.47 -15.50
N ALA B 29 -0.27 -29.17 -15.38
CA ALA B 29 1.08 -28.68 -15.18
C ALA B 29 1.17 -27.95 -13.84
N VAL B 30 0.44 -28.47 -12.85
CA VAL B 30 0.39 -27.92 -11.50
C VAL B 30 0.91 -28.93 -10.50
N LEU B 31 1.99 -28.57 -9.81
CA LEU B 31 2.53 -29.42 -8.75
C LEU B 31 1.93 -28.95 -7.43
N THR B 32 1.30 -29.88 -6.72
CA THR B 32 0.72 -29.57 -5.42
C THR B 32 1.59 -30.16 -4.34
N ILE B 33 2.08 -29.28 -3.47
CA ILE B 33 2.91 -29.68 -2.36
C ILE B 33 2.08 -29.51 -1.09
N GLU B 34 1.93 -30.61 -0.35
CA GLU B 34 1.11 -30.62 0.85
C GLU B 34 1.92 -30.86 2.13
N LEU B 35 1.93 -29.85 3.02
CA LEU B 35 2.48 -30.01 4.38
C LEU B 35 1.70 -31.11 5.12
N GLN B 36 2.37 -32.19 5.45
CA GLN B 36 1.68 -33.33 6.05
C GLN B 36 2.20 -33.62 7.44
N ARG B 37 1.92 -32.71 8.36
CA ARG B 37 2.17 -32.91 9.77
C ARG B 37 0.93 -32.45 10.55
N PRO B 38 -0.26 -32.97 10.18
CA PRO B 38 -1.51 -32.42 10.70
C PRO B 38 -1.68 -32.56 12.22
N GLU B 39 -1.02 -33.57 12.81
CA GLU B 39 -1.06 -33.80 14.26
C GLU B 39 -0.49 -32.63 15.04
N ARG B 40 0.41 -31.86 14.43
CA ARG B 40 0.95 -30.66 15.07
C ARG B 40 0.50 -29.41 14.35
N ARG B 41 -0.62 -29.51 13.63
CA ARG B 41 -1.17 -28.39 12.83
C ARG B 41 -0.11 -27.85 11.87
N ASN B 42 0.62 -28.78 11.26
CA ASN B 42 1.63 -28.50 10.24
C ASN B 42 2.76 -27.56 10.66
N ALA B 43 3.07 -27.53 11.95
CA ALA B 43 4.13 -26.67 12.48
C ALA B 43 5.46 -27.11 11.87
N LEU B 44 6.31 -26.12 11.58
CA LEU B 44 7.58 -26.39 10.93
C LEU B 44 8.62 -26.92 11.90
N ASN B 45 9.37 -27.92 11.44
CA ASN B 45 10.58 -28.35 12.10
C ASN B 45 11.64 -28.52 11.01
N SER B 46 12.85 -28.93 11.39
CA SER B 46 13.98 -29.02 10.46
C SER B 46 13.68 -29.92 9.26
N GLN B 47 13.16 -31.10 9.53
CA GLN B 47 12.90 -32.08 8.47
C GLN B 47 11.83 -31.59 7.50
N LEU B 48 10.79 -30.93 8.03
CA LEU B 48 9.73 -30.39 7.20
C LEU B 48 10.24 -29.23 6.30
N VAL B 49 11.05 -28.35 6.88
CA VAL B 49 11.62 -27.22 6.13
C VAL B 49 12.56 -27.74 5.03
N GLU B 50 13.44 -28.65 5.39
CA GLU B 50 14.37 -29.29 4.43
C GLU B 50 13.65 -29.93 3.22
N GLU B 51 12.57 -30.66 3.50
CA GLU B 51 11.84 -31.35 2.43
C GLU B 51 11.05 -30.39 1.55
N LEU B 52 10.46 -29.36 2.13
CA LEU B 52 9.81 -28.29 1.35
C LEU B 52 10.81 -27.62 0.41
N THR B 53 11.96 -27.25 0.96
CA THR B 53 13.05 -26.62 0.23
C THR B 53 13.41 -27.43 -1.02
N GLN B 54 13.67 -28.73 -0.83
CA GLN B 54 13.96 -29.66 -1.93
C GLN B 54 12.83 -29.72 -2.95
N ALA B 55 11.59 -29.74 -2.47
CA ALA B 55 10.43 -29.88 -3.35
C ALA B 55 10.24 -28.66 -4.22
N ILE B 56 10.48 -27.48 -3.64
CA ILE B 56 10.43 -26.23 -4.40
C ILE B 56 11.57 -26.21 -5.41
N ARG B 57 12.79 -26.49 -4.94
CA ARG B 57 13.99 -26.52 -5.82
C ARG B 57 13.84 -27.43 -7.02
N LYS B 58 13.28 -28.62 -6.81
CA LYS B 58 13.18 -29.60 -7.89
C LYS B 58 11.83 -29.55 -8.61
N ALA B 59 11.00 -28.54 -8.28
CA ALA B 59 9.63 -28.44 -8.82
C ALA B 59 9.59 -28.24 -10.35
N GLY B 60 10.67 -27.67 -10.89
CA GLY B 60 10.80 -27.46 -12.32
C GLY B 60 11.44 -28.61 -13.08
N ASP B 61 11.76 -29.70 -12.38
CA ASP B 61 12.46 -30.85 -12.99
C ASP B 61 11.63 -31.63 -14.02
N GLY B 62 10.32 -31.70 -13.79
CA GLY B 62 9.38 -32.27 -14.76
C GLY B 62 8.79 -31.20 -15.65
N SER B 63 7.49 -31.24 -15.85
CA SER B 63 6.84 -30.33 -16.78
C SER B 63 5.88 -29.33 -16.12
N ALA B 64 6.00 -29.14 -14.81
CA ALA B 64 5.12 -28.20 -14.10
C ALA B 64 5.55 -26.75 -14.31
N ARG B 65 4.58 -25.85 -14.39
CA ARG B 65 4.86 -24.42 -14.52
C ARG B 65 4.15 -23.59 -13.46
N ALA B 66 3.50 -24.27 -12.52
CA ALA B 66 2.88 -23.58 -11.37
C ALA B 66 2.83 -24.54 -10.19
N ILE B 67 2.87 -23.97 -9.00
CA ILE B 67 2.90 -24.73 -7.77
C ILE B 67 1.76 -24.32 -6.86
N VAL B 68 1.10 -25.30 -6.24
CA VAL B 68 0.14 -25.04 -5.18
C VAL B 68 0.74 -25.55 -3.87
N LEU B 69 0.73 -24.70 -2.86
CA LEU B 69 1.23 -25.09 -1.54
C LEU B 69 0.07 -25.09 -0.56
N THR B 70 -0.09 -26.19 0.18
CA THR B 70 -1.25 -26.31 1.06
C THR B 70 -0.95 -27.19 2.28
N GLY B 71 -1.80 -27.10 3.30
CA GLY B 71 -1.65 -27.94 4.49
C GLY B 71 -2.72 -29.01 4.60
N GLN B 72 -2.34 -30.18 5.12
CA GLN B 72 -3.29 -31.23 5.43
C GLN B 72 -4.01 -30.93 6.74
N GLY B 73 -5.29 -31.29 6.78
CA GLY B 73 -6.10 -31.12 7.99
C GLY B 73 -6.59 -29.70 8.13
N THR B 74 -6.78 -29.27 9.37
CA THR B 74 -7.48 -28.01 9.67
C THR B 74 -6.65 -26.73 9.56
N ALA B 75 -5.33 -26.85 9.64
CA ALA B 75 -4.45 -25.67 9.66
C ALA B 75 -3.54 -25.63 8.44
N PHE B 76 -3.21 -24.41 8.01
CA PHE B 76 -2.23 -24.26 6.96
C PHE B 76 -0.86 -24.51 7.55
N CYS B 77 -0.53 -23.77 8.62
CA CYS B 77 0.70 -23.92 9.36
C CYS B 77 0.67 -23.05 10.61
N ALA B 78 0.67 -23.72 11.76
CA ALA B 78 0.51 -23.08 13.07
C ALA B 78 1.78 -22.40 13.60
N GLY B 79 2.92 -22.64 12.97
CA GLY B 79 4.15 -21.98 13.38
C GLY B 79 5.39 -22.86 13.37
N ALA B 80 6.26 -22.65 14.35
CA ALA B 80 7.47 -23.44 14.51
C ALA B 80 7.31 -24.38 15.69
N ASP B 81 7.89 -25.59 15.59
CA ASP B 81 7.79 -26.63 16.62
C ASP B 81 9.12 -26.84 17.36
N LEU B 82 9.96 -27.74 16.83
CA LEU B 82 11.30 -28.09 17.36
C LEU B 82 11.31 -29.12 18.51
N SER B 83 10.31 -29.02 19.38
CA SER B 83 10.11 -29.98 20.47
C SER B 83 9.62 -31.34 19.94
N PHE B 87 19.27 -31.04 15.53
CA PHE B 87 19.60 -29.88 14.71
C PHE B 87 18.49 -28.80 14.75
N ALA B 88 18.11 -28.39 15.96
CA ALA B 88 17.15 -27.30 16.18
C ALA B 88 17.86 -25.95 16.31
N ALA B 89 19.17 -26.00 16.51
CA ALA B 89 20.03 -24.81 16.44
C ALA B 89 20.43 -24.55 14.98
N ASP B 90 20.34 -25.60 14.18
CA ASP B 90 20.52 -25.52 12.72
C ASP B 90 19.16 -25.53 12.02
N TYR B 91 18.25 -24.65 12.47
CA TYR B 91 16.88 -24.56 11.93
C TYR B 91 16.49 -23.15 11.42
N PRO B 92 16.85 -22.06 12.15
CA PRO B 92 16.58 -20.74 11.57
C PRO B 92 17.33 -20.53 10.24
N ASP B 93 18.53 -21.10 10.12
CA ASP B 93 19.25 -21.08 8.86
C ASP B 93 18.50 -21.82 7.76
N ARG B 94 17.93 -22.97 8.10
CA ARG B 94 17.22 -23.79 7.12
C ARG B 94 15.94 -23.14 6.66
N LEU B 95 15.29 -22.41 7.58
CA LEU B 95 14.10 -21.64 7.29
C LEU B 95 14.39 -20.48 6.33
N ILE B 96 15.48 -19.76 6.58
CA ILE B 96 15.91 -18.71 5.65
C ILE B 96 16.13 -19.30 4.25
N GLU B 97 16.76 -20.48 4.18
CA GLU B 97 16.95 -21.18 2.90
C GLU B 97 15.64 -21.52 2.18
N LEU B 98 14.61 -21.89 2.93
CA LEU B 98 13.31 -22.18 2.31
C LEU B 98 12.74 -20.93 1.63
N HIS B 99 12.78 -19.81 2.33
CA HIS B 99 12.33 -18.54 1.77
C HIS B 99 13.12 -18.12 0.57
N LYS B 100 14.45 -18.33 0.62
CA LYS B 100 15.31 -18.03 -0.52
C LYS B 100 14.91 -18.84 -1.74
N ALA B 101 14.69 -20.14 -1.55
CA ALA B 101 14.30 -21.01 -2.66
C ALA B 101 12.95 -20.59 -3.23
N MET B 102 12.01 -20.24 -2.36
CA MET B 102 10.71 -19.78 -2.81
C MET B 102 10.85 -18.45 -3.55
N ASP B 103 11.66 -17.55 -3.00
CA ASP B 103 11.88 -16.27 -3.62
C ASP B 103 12.58 -16.41 -4.98
N ALA B 104 13.46 -17.39 -5.11
CA ALA B 104 14.26 -17.53 -6.33
C ALA B 104 13.59 -18.40 -7.39
N SER B 105 12.48 -19.04 -7.02
CA SER B 105 11.84 -19.98 -7.92
C SER B 105 11.19 -19.28 -9.11
N PRO B 106 11.45 -19.80 -10.32
CA PRO B 106 10.80 -19.28 -11.52
C PRO B 106 9.30 -19.60 -11.56
N MET B 107 8.86 -20.54 -10.74
CA MET B 107 7.45 -20.94 -10.70
C MET B 107 6.65 -20.00 -9.80
N PRO B 108 5.43 -19.63 -10.22
CA PRO B 108 4.54 -18.94 -9.29
C PRO B 108 3.93 -19.97 -8.32
N VAL B 109 3.94 -19.62 -7.04
CA VAL B 109 3.45 -20.49 -5.99
C VAL B 109 2.09 -19.93 -5.52
N VAL B 110 1.03 -20.71 -5.74
CA VAL B 110 -0.28 -20.38 -5.22
C VAL B 110 -0.46 -21.06 -3.86
N GLY B 111 -0.53 -20.27 -2.80
CA GLY B 111 -0.82 -20.78 -1.49
C GLY B 111 -2.33 -21.00 -1.36
N ALA B 112 -2.71 -22.27 -1.16
CA ALA B 112 -4.05 -22.60 -0.75
C ALA B 112 -4.10 -22.63 0.79
N ILE B 113 -4.43 -21.49 1.39
CA ILE B 113 -4.43 -21.35 2.85
C ILE B 113 -5.71 -21.96 3.41
N ASN B 114 -5.63 -23.26 3.68
CA ASN B 114 -6.77 -24.08 4.05
C ASN B 114 -7.22 -23.85 5.49
N GLY B 115 -6.37 -23.22 6.30
CA GLY B 115 -6.73 -22.93 7.68
C GLY B 115 -5.81 -21.87 8.24
N PRO B 116 -5.72 -21.79 9.58
CA PRO B 116 -4.81 -20.84 10.23
C PRO B 116 -3.35 -20.86 9.73
N ALA B 117 -2.78 -19.68 9.56
CA ALA B 117 -1.37 -19.52 9.23
C ALA B 117 -0.82 -18.60 10.28
N ILE B 118 0.07 -19.11 11.13
CA ILE B 118 0.47 -18.36 12.32
C ILE B 118 1.98 -18.38 12.49
N GLY B 119 2.55 -17.24 12.88
CA GLY B 119 3.99 -17.14 13.08
C GLY B 119 4.72 -17.50 11.80
N ALA B 120 5.53 -18.57 11.84
CA ALA B 120 6.24 -19.02 10.64
C ALA B 120 5.31 -19.50 9.55
N GLY B 121 4.08 -19.85 9.91
CA GLY B 121 3.05 -20.19 8.93
C GLY B 121 2.59 -18.98 8.13
N LEU B 122 2.41 -17.86 8.83
CA LEU B 122 2.08 -16.61 8.15
C LEU B 122 3.23 -16.17 7.22
N GLN B 123 4.47 -16.27 7.69
CA GLN B 123 5.63 -15.93 6.86
C GLN B 123 5.67 -16.74 5.56
N LEU B 124 5.45 -18.04 5.71
CA LEU B 124 5.39 -18.96 4.59
C LEU B 124 4.24 -18.60 3.63
N ALA B 125 3.08 -18.21 4.17
CA ALA B 125 1.92 -17.86 3.35
C ALA B 125 2.20 -16.58 2.56
N MET B 126 2.89 -15.63 3.18
CA MET B 126 3.24 -14.38 2.51
C MET B 126 4.32 -14.58 1.47
N GLN B 127 5.10 -15.66 1.60
CA GLN B 127 6.20 -15.88 0.65
C GLN B 127 5.66 -16.51 -0.65
N CYS B 128 4.42 -16.98 -0.57
CA CYS B 128 3.69 -17.44 -1.74
C CYS B 128 3.46 -16.26 -2.68
N ASP B 129 3.37 -16.57 -3.97
CA ASP B 129 3.11 -15.54 -4.98
C ASP B 129 1.66 -15.06 -4.99
N LEU B 130 0.72 -15.98 -4.74
CA LEU B 130 -0.71 -15.68 -4.68
C LEU B 130 -1.38 -16.51 -3.60
N ARG B 131 -2.52 -16.05 -3.09
CA ARG B 131 -3.20 -16.75 -2.01
C ARG B 131 -4.70 -16.95 -2.25
N VAL B 132 -5.15 -18.20 -2.10
CA VAL B 132 -6.57 -18.54 -2.08
C VAL B 132 -6.83 -19.08 -0.69
N VAL B 133 -7.77 -18.44 0.01
CA VAL B 133 -7.88 -18.57 1.44
C VAL B 133 -9.25 -19.14 1.80
N ALA B 134 -9.27 -20.15 2.67
CA ALA B 134 -10.50 -20.76 3.17
C ALA B 134 -11.28 -19.82 4.10
N PRO B 135 -12.63 -19.89 4.08
CA PRO B 135 -13.46 -19.01 4.88
C PRO B 135 -13.06 -18.95 6.35
N ASP B 136 -12.62 -20.07 6.92
CA ASP B 136 -12.30 -20.16 8.35
C ASP B 136 -10.82 -19.94 8.65
N ALA B 137 -10.00 -19.72 7.62
CA ALA B 137 -8.59 -19.43 7.83
C ALA B 137 -8.42 -18.03 8.43
N PHE B 138 -7.42 -17.88 9.28
CA PHE B 138 -7.00 -16.56 9.74
C PHE B 138 -5.47 -16.52 9.76
N PHE B 139 -4.92 -15.32 9.74
CA PHE B 139 -3.49 -15.09 9.76
C PHE B 139 -3.14 -14.32 11.02
N GLN B 140 -1.95 -14.56 11.58
CA GLN B 140 -1.57 -13.93 12.86
C GLN B 140 -0.08 -13.98 13.16
N PHE B 141 0.45 -12.86 13.65
CA PHE B 141 1.77 -12.82 14.27
C PHE B 141 1.57 -12.63 15.78
N PRO B 142 1.66 -13.74 16.54
CA PRO B 142 1.39 -13.53 17.96
C PRO B 142 2.67 -13.15 18.74
N THR B 143 3.65 -12.58 18.02
CA THR B 143 4.96 -12.28 18.59
C THR B 143 4.93 -11.37 19.85
N SER B 144 4.02 -10.39 19.89
CA SER B 144 3.87 -9.54 21.08
C SER B 144 3.31 -10.29 22.31
N LYS B 145 2.63 -11.40 22.08
CA LYS B 145 2.23 -12.27 23.19
C LYS B 145 3.42 -13.09 23.69
N TYR B 146 4.37 -13.41 22.80
CA TYR B 146 5.50 -14.25 23.20
C TYR B 146 6.78 -13.48 23.50
N GLY B 147 6.76 -12.16 23.29
CA GLY B 147 7.95 -11.34 23.54
C GLY B 147 9.04 -11.45 22.48
N LEU B 148 8.67 -11.87 21.27
CA LEU B 148 9.66 -12.06 20.22
C LEU B 148 9.70 -10.87 19.26
N ALA B 149 10.60 -10.90 18.29
CA ALA B 149 10.70 -9.87 17.29
C ALA B 149 10.88 -10.53 15.91
N LEU B 150 10.33 -9.87 14.90
CA LEU B 150 10.36 -10.39 13.55
C LEU B 150 11.50 -9.80 12.78
N ASP B 151 11.95 -10.53 11.74
CA ASP B 151 12.85 -9.98 10.70
C ASP B 151 12.11 -8.86 9.97
N ASN B 152 12.85 -7.94 9.33
CA ASN B 152 12.25 -6.79 8.64
C ASN B 152 11.27 -7.14 7.52
N TRP B 153 11.63 -8.15 6.73
CA TRP B 153 10.79 -8.62 5.65
C TRP B 153 9.42 -9.02 6.12
N SER B 154 9.33 -9.73 7.24
CA SER B 154 8.01 -10.15 7.68
C SER B 154 7.12 -8.92 7.89
N ILE B 155 7.68 -7.86 8.45
CA ILE B 155 6.93 -6.65 8.75
C ILE B 155 6.59 -5.83 7.48
N ARG B 156 7.54 -5.71 6.56
CA ARG B 156 7.33 -4.97 5.31
C ARG B 156 6.35 -5.68 4.40
N ARG B 157 6.49 -7.00 4.24
CA ARG B 157 5.60 -7.74 3.36
C ARG B 157 4.18 -7.76 3.94
N LEU B 158 4.04 -7.92 5.26
CA LEU B 158 2.72 -7.84 5.90
C LEU B 158 2.09 -6.49 5.58
N SER B 159 2.84 -5.43 5.82
CA SER B 159 2.40 -4.07 5.53
C SER B 159 1.91 -3.91 4.11
N SER B 160 2.66 -4.42 3.13
CA SER B 160 2.26 -4.32 1.74
C SER B 160 0.95 -5.09 1.50
N LEU B 161 0.73 -6.17 2.23
CA LEU B 161 -0.43 -7.06 1.99
C LEU B 161 -1.73 -6.71 2.74
N VAL B 162 -1.63 -6.22 3.97
CA VAL B 162 -2.84 -5.81 4.71
C VAL B 162 -2.95 -4.30 4.83
N GLY B 163 -1.92 -3.59 4.40
CA GLY B 163 -1.95 -2.12 4.52
C GLY B 163 -1.28 -1.79 5.84
N HIS B 164 -0.53 -0.68 5.86
CA HIS B 164 0.22 -0.24 7.04
C HIS B 164 -0.59 -0.15 8.33
N GLY B 165 -1.84 0.31 8.24
CA GLY B 165 -2.67 0.50 9.43
C GLY B 165 -3.00 -0.83 10.12
N ARG B 166 -3.46 -1.78 9.33
CA ARG B 166 -3.79 -3.08 9.89
C ARG B 166 -2.54 -3.83 10.36
N ALA B 167 -1.43 -3.66 9.64
CA ALA B 167 -0.17 -4.27 10.06
C ALA B 167 0.18 -3.75 11.45
N ARG B 168 -0.02 -2.46 11.71
CA ARG B 168 0.25 -1.96 13.07
C ARG B 168 -0.56 -2.71 14.14
N ALA B 169 -1.85 -2.93 13.92
CA ALA B 169 -2.67 -3.70 14.89
C ALA B 169 -2.20 -5.13 15.04
N MET B 170 -1.86 -5.78 13.93
CA MET B 170 -1.42 -7.16 13.98
C MET B 170 -0.14 -7.28 14.76
N LEU B 171 0.75 -6.31 14.61
CA LEU B 171 2.08 -6.41 15.22
C LEU B 171 2.15 -5.87 16.61
N LEU B 172 1.44 -4.79 16.91
CA LEU B 172 1.52 -4.21 18.26
C LEU B 172 0.55 -4.88 19.23
N SER B 173 -0.42 -5.59 18.68
CA SER B 173 -1.45 -6.16 19.54
C SER B 173 -1.84 -7.59 19.21
N ALA B 174 -1.09 -8.24 18.30
CA ALA B 174 -1.28 -9.68 17.97
C ALA B 174 -2.66 -10.00 17.42
N GLU B 175 -3.34 -9.02 16.86
CA GLU B 175 -4.69 -9.21 16.38
C GLU B 175 -4.70 -10.13 15.16
N LYS B 176 -5.68 -11.02 15.10
CA LYS B 176 -5.85 -11.93 13.96
C LYS B 176 -6.46 -11.21 12.75
N LEU B 177 -6.13 -11.70 11.57
CA LEU B 177 -6.71 -11.19 10.34
C LEU B 177 -7.60 -12.28 9.75
N THR B 178 -8.90 -12.04 9.70
CA THR B 178 -9.84 -13.02 9.17
C THR B 178 -9.81 -13.02 7.64
N ALA B 179 -10.37 -14.07 7.06
CA ALA B 179 -10.36 -14.30 5.62
C ALA B 179 -11.10 -13.17 4.88
N GLU B 180 -12.18 -12.69 5.47
CA GLU B 180 -12.98 -11.65 4.80
C GLU B 180 -12.18 -10.36 4.70
N ILE B 181 -11.46 -10.01 5.77
CA ILE B 181 -10.58 -8.83 5.78
C ILE B 181 -9.34 -9.08 4.90
N ALA B 182 -8.85 -10.32 4.89
CA ALA B 182 -7.75 -10.67 3.98
C ALA B 182 -8.12 -10.40 2.52
N LEU B 183 -9.35 -10.75 2.14
CA LEU B 183 -9.84 -10.48 0.77
C LEU B 183 -9.98 -8.98 0.50
N HIS B 184 -10.53 -8.27 1.47
CA HIS B 184 -10.67 -6.83 1.46
C HIS B 184 -9.33 -6.13 1.19
N THR B 185 -8.24 -6.58 1.83
CA THR B 185 -6.95 -5.92 1.72
C THR B 185 -6.08 -6.39 0.55
N GLY B 186 -6.30 -7.62 0.09
CA GLY B 186 -5.44 -8.19 -0.93
C GLY B 186 -4.48 -9.28 -0.42
N MET B 187 -4.44 -9.48 0.90
CA MET B 187 -3.68 -10.62 1.43
C MET B 187 -4.21 -11.95 0.85
N ALA B 188 -5.53 -12.06 0.79
CA ALA B 188 -6.18 -13.12 0.05
C ALA B 188 -6.54 -12.55 -1.33
N ASN B 189 -6.07 -13.17 -2.40
CA ASN B 189 -6.53 -12.82 -3.75
C ASN B 189 -7.93 -13.34 -4.04
N ARG B 190 -8.26 -14.52 -3.49
CA ARG B 190 -9.61 -15.07 -3.56
C ARG B 190 -9.90 -15.83 -2.28
N ILE B 191 -11.19 -15.95 -1.96
CA ILE B 191 -11.63 -16.85 -0.93
C ILE B 191 -12.07 -18.11 -1.67
N GLY B 192 -11.66 -19.27 -1.18
CA GLY B 192 -11.96 -20.54 -1.84
C GLY B 192 -11.19 -21.74 -1.31
N THR B 193 -11.37 -22.88 -1.98
CA THR B 193 -10.84 -24.16 -1.55
C THR B 193 -9.55 -24.53 -2.29
N LEU B 194 -8.96 -25.66 -1.91
CA LEU B 194 -7.80 -26.21 -2.57
C LEU B 194 -8.11 -26.44 -4.04
N ALA B 195 -9.31 -26.97 -4.32
CA ALA B 195 -9.75 -27.20 -5.71
C ALA B 195 -9.76 -25.90 -6.54
N ASP B 196 -10.24 -24.81 -5.94
CA ASP B 196 -10.25 -23.49 -6.59
C ASP B 196 -8.82 -23.05 -6.91
N ALA B 197 -7.91 -23.25 -5.95
CA ALA B 197 -6.52 -22.85 -6.10
C ALA B 197 -5.85 -23.64 -7.23
N GLN B 198 -6.19 -24.93 -7.34
CA GLN B 198 -5.62 -25.75 -8.39
C GLN B 198 -6.12 -25.33 -9.77
N ALA B 199 -7.41 -25.04 -9.88
CA ALA B 199 -7.98 -24.57 -11.14
C ALA B 199 -7.37 -23.21 -11.51
N TRP B 200 -7.15 -22.36 -10.51
CA TRP B 200 -6.48 -21.09 -10.79
C TRP B 200 -5.05 -21.27 -11.24
N ALA B 201 -4.31 -22.16 -10.57
CA ALA B 201 -2.93 -22.48 -10.95
C ALA B 201 -2.81 -23.11 -12.35
N ALA B 202 -3.82 -23.87 -12.77
CA ALA B 202 -3.80 -24.51 -14.07
C ALA B 202 -3.90 -23.45 -15.17
N GLU B 203 -4.60 -22.36 -14.86
CA GLU B 203 -4.74 -21.23 -15.79
C GLU B 203 -3.42 -20.46 -15.92
N ILE B 204 -2.87 -20.08 -14.77
CA ILE B 204 -1.57 -19.45 -14.70
C ILE B 204 -0.47 -20.25 -15.40
N ALA B 205 -0.51 -21.58 -15.26
CA ALA B 205 0.45 -22.45 -15.94
C ALA B 205 0.40 -22.40 -17.48
N ARG B 206 -0.68 -21.81 -18.01
CA ARG B 206 -0.85 -21.63 -19.46
C ARG B 206 -0.39 -20.25 -19.90
N LEU B 207 0.02 -19.40 -18.95
CA LEU B 207 0.57 -18.07 -19.27
C LEU B 207 2.04 -18.14 -19.66
N ALA B 208 2.61 -17.02 -20.12
CA ALA B 208 4.01 -17.00 -20.58
C ALA B 208 4.97 -16.98 -19.39
N PRO B 209 5.78 -18.04 -19.24
CA PRO B 209 6.63 -18.21 -18.08
C PRO B 209 7.64 -17.07 -17.88
N LEU B 210 8.19 -16.53 -18.96
CA LEU B 210 9.14 -15.40 -18.84
C LEU B 210 8.50 -14.06 -18.40
N ALA B 211 7.24 -13.85 -18.73
CA ALA B 211 6.49 -12.71 -18.21
C ALA B 211 6.32 -12.84 -16.70
N ILE B 212 5.87 -14.01 -16.27
CA ILE B 212 5.65 -14.29 -14.87
C ILE B 212 6.95 -14.15 -14.05
N GLN B 213 8.04 -14.72 -14.57
CA GLN B 213 9.33 -14.70 -13.89
C GLN B 213 9.81 -13.28 -13.61
N HIS B 214 9.73 -12.42 -14.63
CA HIS B 214 10.10 -11.03 -14.51
C HIS B 214 9.25 -10.30 -13.50
N ALA B 215 7.93 -10.42 -13.62
CA ALA B 215 7.01 -9.71 -12.73
C ALA B 215 7.19 -10.14 -11.26
N LYS B 216 7.35 -11.44 -11.04
CA LYS B 216 7.65 -11.96 -9.68
C LYS B 216 8.92 -11.33 -9.10
N ARG B 217 10.00 -11.34 -9.87
CA ARG B 217 11.29 -10.79 -9.41
C ARG B 217 11.18 -9.31 -9.00
N VAL B 218 10.48 -8.52 -9.81
CA VAL B 218 10.38 -7.08 -9.55
C VAL B 218 9.50 -6.84 -8.34
N LEU B 219 8.38 -7.55 -8.29
CA LEU B 219 7.42 -7.43 -7.19
C LEU B 219 8.07 -7.78 -5.85
N ASN B 220 8.84 -8.87 -5.83
CA ASN B 220 9.62 -9.24 -4.64
C ASN B 220 10.75 -8.28 -4.32
N ASP B 221 11.26 -7.58 -5.35
CA ASP B 221 12.31 -6.60 -5.15
C ASP B 221 11.76 -5.22 -4.83
N ASP B 222 10.61 -5.18 -4.18
CA ASP B 222 9.97 -3.93 -3.81
C ASP B 222 10.62 -3.21 -2.62
N GLY B 223 11.65 -3.79 -2.00
CA GLY B 223 12.28 -3.20 -0.81
C GLY B 223 11.91 -3.94 0.47
N ALA B 224 10.94 -4.86 0.38
CA ALA B 224 10.54 -5.69 1.53
C ALA B 224 11.71 -6.52 2.07
N ILE B 225 12.59 -7.01 1.20
CA ILE B 225 13.79 -7.71 1.63
C ILE B 225 14.79 -6.64 2.11
N GLU B 226 14.69 -6.33 3.39
CA GLU B 226 15.40 -5.21 3.98
C GLU B 226 16.26 -5.72 5.13
N GLU B 227 17.54 -5.32 5.13
CA GLU B 227 18.41 -5.56 6.28
C GLU B 227 18.04 -4.67 7.46
N ALA B 228 18.08 -5.25 8.66
CA ALA B 228 17.69 -4.53 9.86
C ALA B 228 18.59 -3.33 10.12
N TRP B 229 17.99 -2.22 10.49
CA TRP B 229 18.79 -1.03 10.84
C TRP B 229 19.41 -1.32 12.19
N PRO B 230 20.45 -0.58 12.56
CA PRO B 230 21.11 -0.70 13.88
C PRO B 230 20.14 -0.83 15.05
N ALA B 231 19.14 0.07 15.14
CA ALA B 231 18.21 0.06 16.27
C ALA B 231 17.27 -1.14 16.16
N HIS B 232 17.05 -1.61 14.93
CA HIS B 232 16.19 -2.77 14.73
C HIS B 232 16.85 -3.97 15.30
N LYS B 233 18.14 -4.10 15.04
CA LYS B 233 18.92 -5.23 15.51
C LYS B 233 19.12 -5.23 17.01
N GLU B 234 19.45 -4.07 17.56
CA GLU B 234 19.50 -3.90 19.00
C GLU B 234 18.24 -4.37 19.72
N LEU B 235 17.07 -3.88 19.28
CA LEU B 235 15.79 -4.25 19.88
C LEU B 235 15.42 -5.72 19.66
N PHE B 236 15.76 -6.24 18.47
CA PHE B 236 15.55 -7.64 18.10
C PHE B 236 16.32 -8.57 19.05
N ASP B 237 17.62 -8.33 19.22
CA ASP B 237 18.44 -9.13 20.13
C ASP B 237 17.97 -9.00 21.57
N LYS B 238 17.60 -7.79 21.98
CA LYS B 238 17.08 -7.59 23.33
C LYS B 238 15.79 -8.38 23.56
N ALA B 239 14.91 -8.43 22.56
CA ALA B 239 13.66 -9.22 22.67
C ALA B 239 13.97 -10.70 22.83
N TRP B 240 14.75 -11.25 21.91
CA TRP B 240 15.11 -12.67 21.90
C TRP B 240 15.90 -13.12 23.09
N GLY B 241 16.61 -12.19 23.76
CA GLY B 241 17.44 -12.54 24.92
C GLY B 241 16.79 -12.22 26.26
N SER B 242 15.56 -11.72 26.24
CA SER B 242 14.87 -11.28 27.46
C SER B 242 14.26 -12.41 28.31
N GLN B 243 14.14 -12.13 29.62
CA GLN B 243 13.41 -13.02 30.53
C GLN B 243 11.92 -13.11 30.20
N ASP B 244 11.40 -12.07 29.57
CA ASP B 244 10.00 -12.02 29.12
C ASP B 244 9.60 -13.15 28.16
N VAL B 245 10.50 -13.55 27.26
CA VAL B 245 10.33 -14.75 26.44
C VAL B 245 10.04 -15.96 27.34
N ILE B 246 10.82 -16.11 28.42
CA ILE B 246 10.63 -17.22 29.35
C ILE B 246 9.28 -17.10 30.06
N GLU B 247 8.99 -15.92 30.63
CA GLU B 247 7.72 -15.67 31.31
C GLU B 247 6.50 -16.03 30.46
N ALA B 248 6.54 -15.64 29.18
CA ALA B 248 5.51 -15.98 28.22
C ALA B 248 5.26 -17.51 28.15
N GLN B 249 6.34 -18.29 28.09
CA GLN B 249 6.24 -19.75 28.00
C GLN B 249 5.71 -20.33 29.30
N VAL B 250 6.30 -19.95 30.42
CA VAL B 250 5.91 -20.46 31.74
C VAL B 250 4.44 -20.10 32.01
N ALA B 251 4.02 -18.88 31.64
CA ALA B 251 2.63 -18.46 31.81
C ALA B 251 1.64 -19.33 31.03
N ARG B 252 1.92 -19.59 29.75
CA ARG B 252 1.13 -20.56 28.95
C ARG B 252 1.03 -21.92 29.64
N MET B 253 2.17 -22.46 30.12
CA MET B 253 2.18 -23.78 30.77
C MET B 253 1.45 -23.78 32.11
N GLU B 254 1.27 -22.59 32.66
CA GLU B 254 0.55 -22.45 33.93
C GLU B 254 -0.89 -21.92 33.72
N LYS B 255 -1.25 -21.68 32.46
CA LYS B 255 -2.56 -21.15 32.04
C LYS B 255 -2.99 -19.93 32.87
N ARG B 256 -2.18 -18.87 32.81
CA ARG B 256 -2.33 -17.71 33.68
C ARG B 256 -1.84 -16.52 32.89
N PRO B 257 -2.31 -15.31 33.23
CA PRO B 257 -1.80 -14.10 32.56
C PRO B 257 -0.29 -13.94 32.76
N PRO B 258 0.47 -13.65 31.69
CA PRO B 258 1.87 -13.30 31.87
C PRO B 258 2.02 -11.95 32.57
N LYS B 259 3.07 -11.79 33.38
CA LYS B 259 3.40 -10.51 33.98
C LYS B 259 4.80 -10.12 33.50
N PHE B 260 4.85 -9.36 32.41
CA PHE B 260 6.09 -9.02 31.74
C PHE B 260 6.81 -7.89 32.47
N GLN B 261 8.13 -7.82 32.28
CA GLN B 261 8.94 -6.87 33.01
C GLN B 261 9.60 -5.86 32.07
N GLY B 262 9.49 -6.08 30.77
CA GLY B 262 10.18 -5.23 29.80
C GLY B 262 11.69 -5.45 29.82
N ALA B 263 12.10 -6.62 30.28
CA ALA B 263 13.51 -7.04 30.33
C ALA B 263 13.60 -8.59 30.26
N HIS C 20 -4.83 15.76 -35.62
CA HIS C 20 -5.77 14.78 -36.25
C HIS C 20 -6.43 13.83 -35.24
N MET C 21 -5.62 13.19 -34.40
CA MET C 21 -6.09 12.07 -33.56
C MET C 21 -6.52 12.39 -32.13
N ILE C 22 -6.54 13.67 -31.77
CA ILE C 22 -7.07 14.10 -30.46
C ILE C 22 -7.96 15.33 -30.55
N GLY C 23 -8.92 15.41 -29.65
CA GLY C 23 -9.78 16.58 -29.49
C GLY C 23 -9.37 17.40 -28.27
N ILE C 24 -9.49 18.72 -28.39
CA ILE C 24 -9.15 19.64 -27.29
C ILE C 24 -10.20 20.73 -27.17
N THR C 25 -10.90 20.74 -26.03
CA THR C 25 -11.80 21.82 -25.67
C THR C 25 -11.43 22.37 -24.29
N GLN C 26 -11.86 23.60 -24.03
CA GLN C 26 -11.64 24.23 -22.74
C GLN C 26 -12.95 24.85 -22.30
N ALA C 27 -13.37 24.55 -21.08
CA ALA C 27 -14.54 25.19 -20.48
C ALA C 27 -14.20 25.53 -19.05
N GLU C 28 -14.69 26.69 -18.59
CA GLU C 28 -14.26 27.25 -17.32
C GLU C 28 -12.73 27.35 -17.41
N ALA C 29 -12.03 26.66 -16.50
CA ALA C 29 -10.57 26.61 -16.54
C ALA C 29 -10.10 25.15 -16.66
N VAL C 30 -10.94 24.31 -17.25
CA VAL C 30 -10.62 22.89 -17.45
C VAL C 30 -10.35 22.61 -18.93
N LEU C 31 -9.17 22.04 -19.20
CA LEU C 31 -8.82 21.61 -20.54
C LEU C 31 -9.07 20.10 -20.70
N THR C 32 -10.10 19.76 -21.46
CA THR C 32 -10.40 18.36 -21.74
C THR C 32 -9.65 17.91 -23.00
N ILE C 33 -8.85 16.86 -22.84
CA ILE C 33 -8.13 16.25 -23.93
C ILE C 33 -8.74 14.88 -24.18
N GLU C 34 -9.10 14.63 -25.44
CA GLU C 34 -9.83 13.43 -25.82
C GLU C 34 -9.07 12.62 -26.88
N LEU C 35 -8.67 11.41 -26.52
CA LEU C 35 -8.12 10.45 -27.47
C LEU C 35 -9.20 10.08 -28.46
N GLN C 36 -8.92 10.31 -29.74
CA GLN C 36 -9.91 10.10 -30.79
C GLN C 36 -9.45 9.07 -31.83
N ARG C 37 -9.28 7.84 -31.37
CA ARG C 37 -9.02 6.75 -32.31
C ARG C 37 -9.97 5.58 -32.00
N PRO C 38 -11.30 5.85 -31.96
CA PRO C 38 -12.26 4.89 -31.41
C PRO C 38 -12.38 3.60 -32.22
N GLU C 39 -12.00 3.65 -33.50
CA GLU C 39 -12.01 2.48 -34.38
C GLU C 39 -11.04 1.37 -33.91
N ARG C 40 -9.97 1.76 -33.21
CA ARG C 40 -9.04 0.80 -32.60
C ARG C 40 -9.10 0.88 -31.06
N ARG C 41 -10.22 1.39 -30.55
CA ARG C 41 -10.46 1.52 -29.10
C ARG C 41 -9.40 2.41 -28.42
N ASN C 42 -9.01 3.46 -29.13
CA ASN C 42 -7.99 4.43 -28.68
C ASN C 42 -6.60 3.86 -28.40
N ALA C 43 -6.25 2.76 -29.05
CA ALA C 43 -4.94 2.16 -28.91
C ALA C 43 -3.85 3.14 -29.37
N LEU C 44 -2.78 3.21 -28.59
CA LEU C 44 -1.70 4.16 -28.85
C LEU C 44 -0.78 3.70 -29.99
N ASN C 45 -0.18 4.68 -30.65
CA ASN C 45 0.91 4.49 -31.60
C ASN C 45 1.74 5.78 -31.62
N SER C 46 2.75 5.83 -32.49
CA SER C 46 3.66 6.97 -32.57
C SER C 46 2.94 8.31 -32.59
N GLN C 47 2.08 8.51 -33.59
CA GLN C 47 1.41 9.78 -33.78
C GLN C 47 0.54 10.20 -32.58
N LEU C 48 -0.31 9.29 -32.11
CA LEU C 48 -1.22 9.58 -31.01
C LEU C 48 -0.46 9.99 -29.74
N VAL C 49 0.60 9.24 -29.45
CA VAL C 49 1.45 9.56 -28.31
C VAL C 49 2.12 10.93 -28.49
N GLU C 50 2.63 11.22 -29.70
CA GLU C 50 3.24 12.53 -29.95
C GLU C 50 2.24 13.66 -29.72
N GLU C 51 1.02 13.50 -30.25
CA GLU C 51 0.02 14.57 -30.16
C GLU C 51 -0.46 14.78 -28.72
N LEU C 52 -0.46 13.72 -27.92
CA LEU C 52 -0.80 13.84 -26.52
C LEU C 52 0.27 14.61 -25.72
N THR C 53 1.53 14.28 -25.95
CA THR C 53 2.67 14.97 -25.37
C THR C 53 2.55 16.48 -25.61
N GLN C 54 2.46 16.87 -26.88
CA GLN C 54 2.31 18.29 -27.25
C GLN C 54 1.16 18.96 -26.50
N ALA C 55 0.01 18.30 -26.49
CA ALA C 55 -1.18 18.84 -25.83
C ALA C 55 -0.96 19.01 -24.33
N ILE C 56 -0.31 18.04 -23.69
CA ILE C 56 0.01 18.16 -22.27
C ILE C 56 0.93 19.38 -22.07
N ARG C 57 1.96 19.48 -22.88
CA ARG C 57 2.95 20.55 -22.74
C ARG C 57 2.36 21.94 -23.01
N LYS C 58 1.45 22.03 -23.98
CA LYS C 58 0.84 23.31 -24.33
C LYS C 58 -0.33 23.66 -23.41
N ALA C 59 -0.84 22.67 -22.68
CA ALA C 59 -2.03 22.85 -21.83
C ALA C 59 -2.02 24.07 -20.91
N GLY C 60 -0.85 24.58 -20.56
CA GLY C 60 -0.74 25.70 -19.64
C GLY C 60 -0.77 27.10 -20.26
N ASP C 61 -0.62 27.19 -21.58
CA ASP C 61 -0.46 28.48 -22.28
C ASP C 61 -1.62 29.46 -22.06
N GLY C 62 -2.85 28.97 -22.21
CA GLY C 62 -4.04 29.76 -21.91
C GLY C 62 -4.21 29.86 -20.41
N SER C 63 -5.45 29.85 -19.94
CA SER C 63 -5.70 30.04 -18.51
C SER C 63 -6.27 28.80 -17.81
N ALA C 64 -6.11 27.63 -18.42
CA ALA C 64 -6.53 26.36 -17.82
C ALA C 64 -5.65 26.01 -16.62
N ARG C 65 -6.26 25.47 -15.57
CA ARG C 65 -5.53 25.09 -14.36
C ARG C 65 -5.71 23.62 -14.05
N ALA C 66 -6.53 22.94 -14.85
CA ALA C 66 -6.68 21.49 -14.73
C ALA C 66 -6.88 20.83 -16.09
N ILE C 67 -6.48 19.56 -16.20
CA ILE C 67 -6.70 18.81 -17.42
C ILE C 67 -7.62 17.64 -17.12
N VAL C 68 -8.61 17.42 -17.97
CA VAL C 68 -9.32 16.14 -18.00
C VAL C 68 -8.86 15.35 -19.22
N LEU C 69 -8.46 14.11 -19.01
CA LEU C 69 -8.04 13.24 -20.08
C LEU C 69 -9.00 12.08 -20.19
N THR C 70 -9.54 11.91 -21.40
CA THR C 70 -10.51 10.87 -21.65
C THR C 70 -10.45 10.32 -23.08
N GLY C 71 -11.21 9.26 -23.33
CA GLY C 71 -11.21 8.61 -24.63
C GLY C 71 -12.56 8.68 -25.32
N GLN C 72 -12.54 8.64 -26.64
CA GLN C 72 -13.77 8.64 -27.43
C GLN C 72 -14.33 7.24 -27.59
N GLY C 73 -15.66 7.13 -27.60
CA GLY C 73 -16.36 5.85 -27.69
C GLY C 73 -16.33 5.01 -26.42
N THR C 74 -16.24 3.70 -26.61
CA THR C 74 -16.45 2.72 -25.53
C THR C 74 -15.22 2.53 -24.65
N ALA C 75 -14.07 2.97 -25.16
CA ALA C 75 -12.78 2.68 -24.53
C ALA C 75 -12.07 3.92 -24.06
N PHE C 76 -11.37 3.82 -22.95
CA PHE C 76 -10.38 4.85 -22.59
C PHE C 76 -9.12 4.68 -23.46
N CYS C 77 -8.46 3.54 -23.32
CA CYS C 77 -7.33 3.17 -24.19
C CYS C 77 -7.07 1.67 -24.05
N ALA C 78 -7.26 0.94 -25.14
CA ALA C 78 -7.13 -0.51 -25.10
C ALA C 78 -5.70 -1.02 -25.28
N GLY C 79 -4.72 -0.12 -25.33
CA GLY C 79 -3.32 -0.53 -25.36
C GLY C 79 -2.48 0.08 -26.45
N ALA C 80 -1.86 -0.79 -27.25
CA ALA C 80 -0.96 -0.39 -28.33
C ALA C 80 -1.20 -1.27 -29.56
N ASP C 81 -1.15 -0.68 -30.76
CA ASP C 81 -1.38 -1.46 -31.98
C ASP C 81 -0.17 -1.49 -32.94
N LEU C 82 0.24 -0.31 -33.41
CA LEU C 82 1.48 -0.10 -34.19
C LEU C 82 1.49 -0.62 -35.61
N SER C 83 0.49 -1.39 -36.02
CA SER C 83 0.49 -1.86 -37.40
C SER C 83 0.10 -0.70 -38.33
N GLY C 84 0.89 -0.51 -39.39
CA GLY C 84 0.75 0.65 -40.27
C GLY C 84 1.49 1.89 -39.80
N ASP C 85 2.03 1.85 -38.58
CA ASP C 85 2.76 2.96 -37.98
C ASP C 85 4.17 3.12 -38.57
N ALA C 86 4.33 4.14 -39.41
CA ALA C 86 5.59 4.38 -40.11
C ALA C 86 6.81 4.45 -39.18
N PHE C 87 6.59 4.86 -37.93
CA PHE C 87 7.70 5.03 -36.98
C PHE C 87 7.51 4.23 -35.70
N ALA C 88 7.00 3.01 -35.84
CA ALA C 88 6.75 2.09 -34.72
C ALA C 88 7.99 1.89 -33.84
N ALA C 89 9.16 1.91 -34.45
CA ALA C 89 10.45 1.84 -33.76
C ALA C 89 10.63 2.92 -32.69
N ASP C 90 10.12 4.13 -32.94
CA ASP C 90 10.24 5.25 -32.00
C ASP C 90 9.13 5.26 -30.96
N TYR C 91 8.17 4.36 -31.08
CA TYR C 91 7.01 4.36 -30.20
C TYR C 91 7.40 4.30 -28.71
N PRO C 92 8.25 3.33 -28.29
CA PRO C 92 8.50 3.23 -26.84
C PRO C 92 9.17 4.47 -26.27
N ASP C 93 10.09 5.07 -27.05
CA ASP C 93 10.73 6.33 -26.65
C ASP C 93 9.77 7.52 -26.56
N ARG C 94 8.86 7.64 -27.54
CA ARG C 94 7.86 8.70 -27.49
C ARG C 94 6.86 8.49 -26.33
N LEU C 95 6.55 7.24 -26.01
CA LEU C 95 5.71 6.92 -24.85
C LEU C 95 6.36 7.35 -23.53
N ILE C 96 7.66 7.09 -23.41
CA ILE C 96 8.46 7.54 -22.27
C ILE C 96 8.36 9.07 -22.14
N GLU C 97 8.48 9.75 -23.28
CA GLU C 97 8.36 11.21 -23.33
C GLU C 97 7.00 11.73 -22.90
N LEU C 98 5.94 11.05 -23.32
CA LEU C 98 4.59 11.39 -22.85
C LEU C 98 4.49 11.30 -21.32
N HIS C 99 4.99 10.19 -20.75
CA HIS C 99 4.95 10.02 -19.29
C HIS C 99 5.75 11.05 -18.55
N LYS C 100 6.91 11.38 -19.09
CA LYS C 100 7.76 12.42 -18.56
C LYS C 100 7.07 13.79 -18.55
N ALA C 101 6.32 14.08 -19.61
CA ALA C 101 5.56 15.35 -19.71
C ALA C 101 4.39 15.43 -18.72
N MET C 102 3.70 14.32 -18.52
CA MET C 102 2.63 14.28 -17.53
C MET C 102 3.19 14.42 -16.11
N ASP C 103 4.31 13.74 -15.84
CA ASP C 103 4.96 13.81 -14.52
C ASP C 103 5.40 15.25 -14.23
N ALA C 104 5.88 15.93 -15.27
CA ALA C 104 6.48 17.25 -15.10
C ALA C 104 5.46 18.36 -15.16
N SER C 105 4.25 18.05 -15.60
CA SER C 105 3.25 19.08 -15.80
C SER C 105 2.81 19.67 -14.45
N PRO C 106 2.80 21.02 -14.36
CA PRO C 106 2.29 21.71 -13.19
C PRO C 106 0.79 21.50 -12.95
N MET C 107 0.02 21.17 -13.97
CA MET C 107 -1.42 21.00 -13.77
C MET C 107 -1.81 19.58 -13.39
N PRO C 108 -2.83 19.46 -12.53
CA PRO C 108 -3.36 18.13 -12.21
C PRO C 108 -4.17 17.55 -13.39
N VAL C 109 -3.91 16.29 -13.71
CA VAL C 109 -4.67 15.60 -14.74
C VAL C 109 -5.68 14.67 -14.10
N VAL C 110 -6.95 14.88 -14.43
CA VAL C 110 -8.03 14.02 -13.98
C VAL C 110 -8.33 13.06 -15.13
N GLY C 111 -8.08 11.78 -14.91
CA GLY C 111 -8.39 10.80 -15.93
C GLY C 111 -9.86 10.51 -15.82
N ALA C 112 -10.62 10.81 -16.89
CA ALA C 112 -12.00 10.33 -16.99
C ALA C 112 -11.96 9.01 -17.74
N ILE C 113 -11.81 7.93 -16.99
CA ILE C 113 -11.65 6.61 -17.56
C ILE C 113 -13.03 6.09 -17.98
N ASN C 114 -13.41 6.43 -19.21
CA ASN C 114 -14.75 6.17 -19.74
C ASN C 114 -14.98 4.71 -20.11
N GLY C 115 -13.91 3.91 -20.11
CA GLY C 115 -14.01 2.54 -20.55
C GLY C 115 -12.75 1.79 -20.24
N PRO C 116 -12.63 0.55 -20.76
CA PRO C 116 -11.46 -0.29 -20.49
C PRO C 116 -10.11 0.46 -20.68
N ALA C 117 -9.22 0.34 -19.70
CA ALA C 117 -7.84 0.84 -19.80
C ALA C 117 -6.92 -0.37 -19.73
N ILE C 118 -6.31 -0.72 -20.86
CA ILE C 118 -5.55 -1.98 -20.99
C ILE C 118 -4.11 -1.68 -21.42
N GLY C 119 -3.14 -2.38 -20.82
CA GLY C 119 -1.74 -2.25 -21.22
C GLY C 119 -1.24 -0.83 -21.07
N ALA C 120 -0.80 -0.25 -22.19
CA ALA C 120 -0.35 1.15 -22.26
C ALA C 120 -1.45 2.11 -21.76
N GLY C 121 -2.71 1.71 -21.94
CA GLY C 121 -3.86 2.48 -21.43
C GLY C 121 -3.97 2.51 -19.91
N LEU C 122 -3.67 1.39 -19.26
CA LEU C 122 -3.59 1.37 -17.80
C LEU C 122 -2.40 2.23 -17.35
N GLN C 123 -1.26 2.11 -18.03
CA GLN C 123 -0.12 2.99 -17.71
C GLN C 123 -0.51 4.45 -17.79
N LEU C 124 -1.18 4.83 -18.89
CA LEU C 124 -1.67 6.18 -19.08
C LEU C 124 -2.63 6.60 -17.96
N ALA C 125 -3.62 5.76 -17.66
CA ALA C 125 -4.55 6.00 -16.56
C ALA C 125 -3.80 6.23 -15.21
N MET C 126 -2.75 5.46 -14.97
CA MET C 126 -2.01 5.58 -13.70
C MET C 126 -1.14 6.82 -13.64
N GLN C 127 -0.76 7.36 -14.80
CA GLN C 127 0.03 8.58 -14.84
C GLN C 127 -0.83 9.84 -14.55
N CYS C 128 -2.16 9.70 -14.64
CA CYS C 128 -3.05 10.78 -14.26
C CYS C 128 -2.92 11.02 -12.75
N ASP C 129 -3.19 12.25 -12.34
CA ASP C 129 -3.16 12.57 -10.92
C ASP C 129 -4.32 12.04 -10.12
N LEU C 130 -5.49 11.96 -10.75
CA LEU C 130 -6.76 11.55 -10.13
C LEU C 130 -7.55 10.77 -11.17
N ARG C 131 -8.46 9.91 -10.73
CA ARG C 131 -9.20 9.05 -11.64
C ARG C 131 -10.68 8.98 -11.29
N VAL C 132 -11.51 9.26 -12.29
CA VAL C 132 -12.95 9.19 -12.19
C VAL C 132 -13.30 8.12 -13.23
N VAL C 133 -13.91 7.04 -12.76
CA VAL C 133 -14.06 5.82 -13.58
C VAL C 133 -15.53 5.47 -13.89
N ALA C 134 -15.81 5.16 -15.16
CA ALA C 134 -17.14 4.71 -15.59
C ALA C 134 -17.46 3.35 -14.95
N PRO C 135 -18.71 3.15 -14.49
CA PRO C 135 -19.12 1.89 -13.82
C PRO C 135 -18.74 0.66 -14.68
N ASP C 136 -18.65 0.93 -15.96
CA ASP C 136 -18.43 -0.02 -17.03
C ASP C 136 -16.96 -0.37 -17.26
N ALA C 137 -16.06 0.47 -16.75
CA ALA C 137 -14.64 0.35 -17.08
C ALA C 137 -13.93 -0.76 -16.27
N PHE C 138 -12.83 -1.27 -16.82
CA PHE C 138 -11.93 -2.16 -16.08
C PHE C 138 -10.50 -1.87 -16.50
N PHE C 139 -9.55 -2.26 -15.62
CA PHE C 139 -8.11 -2.06 -15.82
C PHE C 139 -7.44 -3.41 -15.91
N GLN C 140 -6.46 -3.54 -16.82
CA GLN C 140 -5.76 -4.83 -16.94
C GLN C 140 -4.34 -4.71 -17.49
N PHE C 141 -3.41 -5.47 -16.92
CA PHE C 141 -2.13 -5.71 -17.59
C PHE C 141 -2.10 -7.12 -18.20
N PRO C 142 -2.37 -7.23 -19.50
CA PRO C 142 -2.40 -8.57 -20.11
C PRO C 142 -1.01 -9.10 -20.46
N THR C 143 0.03 -8.55 -19.84
CA THR C 143 1.42 -8.89 -20.19
C THR C 143 1.72 -10.39 -20.16
N SER C 144 1.19 -11.07 -19.14
CA SER C 144 1.38 -12.50 -18.99
C SER C 144 0.74 -13.32 -20.11
N LYS C 145 -0.26 -12.72 -20.77
CA LYS C 145 -0.89 -13.35 -21.95
C LYS C 145 -0.05 -13.13 -23.21
N TYR C 146 0.83 -12.13 -23.19
CA TYR C 146 1.60 -11.76 -24.40
C TYR C 146 3.08 -12.01 -24.33
N GLY C 147 3.56 -12.40 -23.16
CA GLY C 147 4.97 -12.69 -22.95
C GLY C 147 5.81 -11.46 -22.72
N LEU C 148 5.16 -10.35 -22.37
CA LEU C 148 5.86 -9.08 -22.22
C LEU C 148 6.33 -8.82 -20.79
N ALA C 149 7.13 -7.78 -20.62
CA ALA C 149 7.55 -7.34 -19.31
C ALA C 149 7.39 -5.83 -19.20
N LEU C 150 7.05 -5.36 -18.00
CA LEU C 150 6.78 -3.96 -17.74
C LEU C 150 7.98 -3.28 -17.13
N ASP C 151 8.06 -1.95 -17.31
CA ASP C 151 9.04 -1.13 -16.58
C ASP C 151 8.77 -1.19 -15.06
N ASN C 152 9.76 -0.83 -14.25
CA ASN C 152 9.55 -0.88 -12.81
C ASN C 152 8.43 0.06 -12.34
N TRP C 153 8.36 1.26 -12.89
CA TRP C 153 7.36 2.23 -12.50
C TRP C 153 5.96 1.69 -12.60
N SER C 154 5.66 1.01 -13.71
CA SER C 154 4.32 0.47 -13.91
C SER C 154 3.93 -0.47 -12.79
N ILE C 155 4.89 -1.28 -12.38
CA ILE C 155 4.66 -2.26 -11.34
C ILE C 155 4.51 -1.58 -9.98
N ARG C 156 5.36 -0.59 -9.68
CA ARG C 156 5.29 0.10 -8.39
C ARG C 156 4.10 1.03 -8.28
N ARG C 157 3.75 1.75 -9.33
CA ARG C 157 2.57 2.61 -9.27
C ARG C 157 1.30 1.75 -9.11
N LEU C 158 1.19 0.68 -9.88
CA LEU C 158 0.04 -0.26 -9.70
C LEU C 158 -0.08 -0.78 -8.26
N SER C 159 1.02 -1.22 -7.67
CA SER C 159 1.02 -1.69 -6.28
C SER C 159 0.56 -0.60 -5.29
N SER C 160 0.97 0.64 -5.53
CA SER C 160 0.54 1.73 -4.69
C SER C 160 -0.97 1.97 -4.83
N LEU C 161 -1.52 1.67 -6.01
CA LEU C 161 -2.93 1.99 -6.33
C LEU C 161 -3.93 0.90 -6.02
N VAL C 162 -3.53 -0.35 -6.24
CA VAL C 162 -4.42 -1.46 -5.97
C VAL C 162 -4.03 -2.29 -4.75
N GLY C 163 -2.83 -2.04 -4.20
CA GLY C 163 -2.29 -2.85 -3.12
C GLY C 163 -1.44 -3.96 -3.71
N HIS C 164 -0.37 -4.30 -2.99
CA HIS C 164 0.64 -5.26 -3.47
C HIS C 164 0.00 -6.60 -3.81
N GLY C 165 -0.91 -7.07 -2.95
CA GLY C 165 -1.64 -8.32 -3.15
C GLY C 165 -2.39 -8.42 -4.47
N ARG C 166 -3.20 -7.42 -4.79
CA ARG C 166 -3.91 -7.35 -6.06
C ARG C 166 -3.00 -7.13 -7.26
N ALA C 167 -1.93 -6.37 -7.04
CA ALA C 167 -0.94 -6.14 -8.07
C ALA C 167 -0.30 -7.46 -8.51
N ARG C 168 -0.02 -8.34 -7.56
CA ARG C 168 0.53 -9.66 -7.87
C ARG C 168 -0.41 -10.45 -8.80
N ALA C 169 -1.69 -10.49 -8.46
CA ALA C 169 -2.68 -11.20 -9.30
C ALA C 169 -2.85 -10.56 -10.69
N MET C 170 -2.75 -9.24 -10.74
CA MET C 170 -2.84 -8.51 -12.01
C MET C 170 -1.67 -8.79 -12.93
N LEU C 171 -0.46 -8.86 -12.35
CA LEU C 171 0.73 -9.02 -13.16
C LEU C 171 1.02 -10.47 -13.44
N LEU C 172 0.76 -11.33 -12.46
CA LEU C 172 1.09 -12.74 -12.55
C LEU C 172 0.00 -13.61 -13.24
N SER C 173 -1.23 -13.10 -13.32
CA SER C 173 -2.35 -13.83 -13.94
C SER C 173 -3.29 -12.99 -14.83
N ALA C 174 -2.87 -11.78 -15.20
CA ALA C 174 -3.66 -10.88 -16.06
C ALA C 174 -5.09 -10.63 -15.52
N GLU C 175 -5.22 -10.61 -14.20
CA GLU C 175 -6.51 -10.39 -13.56
C GLU C 175 -7.07 -9.00 -13.92
N LYS C 176 -8.33 -8.95 -14.32
CA LYS C 176 -8.97 -7.68 -14.59
C LYS C 176 -9.39 -7.01 -13.27
N LEU C 177 -9.20 -5.70 -13.20
CA LEU C 177 -9.63 -4.94 -12.05
C LEU C 177 -10.90 -4.19 -12.45
N THR C 178 -12.03 -4.54 -11.86
CA THR C 178 -13.29 -3.87 -12.21
C THR C 178 -13.32 -2.45 -11.59
N ALA C 179 -14.20 -1.60 -12.09
CA ALA C 179 -14.42 -0.26 -11.55
C ALA C 179 -14.77 -0.31 -10.06
N GLU C 180 -15.62 -1.28 -9.69
CA GLU C 180 -16.04 -1.52 -8.31
C GLU C 180 -14.82 -1.71 -7.39
N ILE C 181 -13.96 -2.67 -7.74
CA ILE C 181 -12.77 -2.93 -6.92
C ILE C 181 -11.75 -1.79 -7.01
N ALA C 182 -11.71 -1.10 -8.15
CA ALA C 182 -10.87 0.09 -8.31
C ALA C 182 -11.26 1.15 -7.29
N LEU C 183 -12.56 1.31 -7.04
CA LEU C 183 -13.00 2.31 -6.07
C LEU C 183 -12.61 1.87 -4.65
N HIS C 184 -12.81 0.59 -4.38
CA HIS C 184 -12.39 -0.06 -3.15
C HIS C 184 -10.95 0.26 -2.79
N THR C 185 -10.04 0.04 -3.75
CA THR C 185 -8.60 0.14 -3.47
C THR C 185 -8.05 1.55 -3.59
N GLY C 186 -8.70 2.41 -4.34
CA GLY C 186 -8.20 3.76 -4.49
C GLY C 186 -7.71 4.07 -5.89
N MET C 187 -7.60 3.04 -6.75
CA MET C 187 -7.25 3.24 -8.17
C MET C 187 -8.22 4.22 -8.83
N ALA C 188 -9.51 4.01 -8.56
CA ALA C 188 -10.53 5.00 -8.88
C ALA C 188 -10.77 5.82 -7.63
N ASN C 189 -10.69 7.13 -7.76
CA ASN C 189 -11.10 8.02 -6.69
C ASN C 189 -12.62 8.16 -6.63
N ARG C 190 -13.26 8.11 -7.79
CA ARG C 190 -14.72 8.15 -7.91
C ARG C 190 -15.17 7.26 -9.05
N ILE C 191 -16.38 6.75 -8.94
CA ILE C 191 -17.05 6.17 -10.09
C ILE C 191 -17.95 7.27 -10.63
N GLY C 192 -17.76 7.64 -11.89
CA GLY C 192 -18.47 8.77 -12.47
C GLY C 192 -18.31 8.86 -13.97
N THR C 193 -19.06 9.78 -14.56
CA THR C 193 -19.02 10.07 -16.00
C THR C 193 -17.98 11.14 -16.29
N LEU C 194 -17.73 11.38 -17.58
CA LEU C 194 -16.88 12.49 -18.02
C LEU C 194 -17.36 13.82 -17.40
N ALA C 195 -18.67 14.04 -17.46
CA ALA C 195 -19.30 15.21 -16.84
C ALA C 195 -18.90 15.37 -15.38
N ASP C 196 -18.99 14.27 -14.61
CA ASP C 196 -18.57 14.27 -13.19
C ASP C 196 -17.08 14.62 -13.04
N ALA C 197 -16.25 13.99 -13.86
CA ALA C 197 -14.83 14.27 -13.88
C ALA C 197 -14.54 15.74 -14.15
N GLN C 198 -15.24 16.32 -15.13
CA GLN C 198 -15.10 17.74 -15.49
C GLN C 198 -15.55 18.72 -14.40
N ALA C 199 -16.63 18.40 -13.70
CA ALA C 199 -17.08 19.21 -12.57
C ALA C 199 -16.04 19.17 -11.46
N TRP C 200 -15.43 18.00 -11.25
CA TRP C 200 -14.41 17.89 -10.24
C TRP C 200 -13.17 18.65 -10.63
N ALA C 201 -12.75 18.49 -11.88
CA ALA C 201 -11.64 19.26 -12.38
C ALA C 201 -11.86 20.78 -12.22
N ALA C 202 -13.09 21.25 -12.48
CA ALA C 202 -13.41 22.68 -12.29
C ALA C 202 -13.17 23.15 -10.86
N GLU C 203 -13.55 22.30 -9.88
CA GLU C 203 -13.29 22.57 -8.46
C GLU C 203 -11.78 22.64 -8.17
N ILE C 204 -11.04 21.64 -8.65
CA ILE C 204 -9.59 21.55 -8.44
C ILE C 204 -8.87 22.74 -9.09
N ALA C 205 -9.35 23.17 -10.26
CA ALA C 205 -8.82 24.34 -10.94
C ALA C 205 -9.04 25.64 -10.15
N ARG C 206 -9.84 25.57 -9.08
CA ARG C 206 -10.04 26.73 -8.20
C ARG C 206 -9.18 26.69 -6.94
N LEU C 207 -8.43 25.61 -6.74
CA LEU C 207 -7.55 25.52 -5.58
C LEU C 207 -6.21 26.18 -5.87
N ALA C 208 -5.37 26.27 -4.83
CA ALA C 208 -4.09 26.98 -4.89
C ALA C 208 -3.08 26.22 -5.74
N PRO C 209 -2.80 26.71 -6.95
CA PRO C 209 -1.99 25.92 -7.90
C PRO C 209 -0.63 25.51 -7.34
N LEU C 210 0.02 26.39 -6.57
CA LEU C 210 1.33 26.10 -6.00
C LEU C 210 1.31 25.01 -4.92
N ALA C 211 0.22 24.89 -4.16
CA ALA C 211 0.04 23.74 -3.22
C ALA C 211 -0.07 22.44 -4.01
N ILE C 212 -0.86 22.48 -5.06
CA ILE C 212 -1.08 21.31 -5.90
C ILE C 212 0.25 20.87 -6.53
N GLN C 213 1.02 21.85 -7.01
CA GLN C 213 2.31 21.57 -7.63
C GLN C 213 3.24 20.85 -6.67
N HIS C 214 3.35 21.35 -5.45
CA HIS C 214 4.17 20.70 -4.45
C HIS C 214 3.72 19.29 -4.15
N ALA C 215 2.41 19.10 -3.89
CA ALA C 215 1.92 17.78 -3.49
C ALA C 215 2.10 16.74 -4.60
N LYS C 216 1.84 17.18 -5.84
CA LYS C 216 1.98 16.31 -7.00
C LYS C 216 3.42 15.80 -7.12
N ARG C 217 4.38 16.71 -6.95
CA ARG C 217 5.78 16.36 -7.11
C ARG C 217 6.22 15.41 -6.01
N VAL C 218 5.84 15.70 -4.77
CA VAL C 218 6.18 14.80 -3.67
C VAL C 218 5.52 13.44 -3.85
N LEU C 219 4.24 13.42 -4.21
CA LEU C 219 3.51 12.17 -4.35
C LEU C 219 4.12 11.32 -5.46
N ASN C 220 4.55 11.97 -6.54
CA ASN C 220 5.12 11.24 -7.67
C ASN C 220 6.51 10.74 -7.37
N ASP C 221 7.15 11.37 -6.39
CA ASP C 221 8.49 11.01 -5.98
C ASP C 221 8.53 10.02 -4.81
N ASP C 222 7.47 9.22 -4.69
CA ASP C 222 7.35 8.20 -3.64
C ASP C 222 8.33 7.04 -3.82
N GLY C 223 8.94 6.94 -5.00
CA GLY C 223 9.90 5.89 -5.29
C GLY C 223 9.41 4.98 -6.42
N ALA C 224 8.16 5.18 -6.84
CA ALA C 224 7.66 4.44 -7.99
C ALA C 224 8.57 4.64 -9.20
N ILE C 225 9.09 5.85 -9.37
CA ILE C 225 10.00 6.12 -10.46
C ILE C 225 11.35 5.53 -10.07
N GLU C 226 11.61 4.33 -10.57
CA GLU C 226 12.71 3.51 -10.11
C GLU C 226 13.42 2.86 -11.31
N GLU C 227 14.74 2.95 -11.32
CA GLU C 227 15.51 2.31 -12.37
C GLU C 227 15.53 0.80 -12.15
N ALA C 228 15.27 0.06 -13.24
CA ALA C 228 15.39 -1.40 -13.24
C ALA C 228 16.75 -1.85 -12.66
N TRP C 229 16.73 -2.78 -11.70
CA TRP C 229 17.95 -3.40 -11.16
C TRP C 229 18.55 -4.32 -12.21
N PRO C 230 19.84 -4.68 -12.06
CA PRO C 230 20.39 -5.51 -13.16
C PRO C 230 19.65 -6.83 -13.44
N ALA C 231 19.14 -7.52 -12.41
CA ALA C 231 18.39 -8.76 -12.66
C ALA C 231 17.06 -8.46 -13.38
N HIS C 232 16.45 -7.33 -13.06
CA HIS C 232 15.24 -6.89 -13.73
C HIS C 232 15.48 -6.72 -15.22
N LYS C 233 16.52 -5.94 -15.55
CA LYS C 233 16.82 -5.64 -16.94
C LYS C 233 17.14 -6.93 -17.68
N GLU C 234 17.90 -7.82 -17.04
CA GLU C 234 18.20 -9.13 -17.59
C GLU C 234 16.90 -9.91 -17.92
N LEU C 235 15.95 -9.92 -17.00
CA LEU C 235 14.70 -10.67 -17.22
C LEU C 235 13.76 -9.95 -18.20
N PHE C 236 13.79 -8.62 -18.18
CA PHE C 236 13.01 -7.77 -19.08
C PHE C 236 13.41 -8.05 -20.54
N ASP C 237 14.71 -8.17 -20.81
CA ASP C 237 15.23 -8.44 -22.16
C ASP C 237 14.97 -9.87 -22.65
N LYS C 238 15.09 -10.84 -21.75
CA LYS C 238 14.76 -12.24 -22.08
C LYS C 238 13.30 -12.37 -22.50
N ALA C 239 12.42 -11.63 -21.82
CA ALA C 239 10.98 -11.72 -22.11
C ALA C 239 10.67 -11.08 -23.47
N TRP C 240 11.12 -9.84 -23.67
CA TRP C 240 10.92 -9.15 -24.94
C TRP C 240 11.61 -9.80 -26.12
N GLY C 241 12.76 -10.41 -25.88
CA GLY C 241 13.52 -11.07 -26.93
C GLY C 241 13.05 -12.48 -27.26
N SER C 242 12.05 -12.96 -26.52
CA SER C 242 11.61 -14.36 -26.62
C SER C 242 10.71 -14.67 -27.81
N GLN C 243 10.79 -15.92 -28.26
CA GLN C 243 9.87 -16.48 -29.25
C GLN C 243 8.42 -16.56 -28.73
N ASP C 244 8.25 -16.56 -27.41
CA ASP C 244 6.90 -16.59 -26.84
C ASP C 244 6.11 -15.35 -27.22
N VAL C 245 6.81 -14.21 -27.30
CA VAL C 245 6.20 -12.95 -27.74
C VAL C 245 5.64 -13.07 -29.15
N ILE C 246 6.39 -13.73 -30.03
CA ILE C 246 5.94 -13.91 -31.40
C ILE C 246 4.73 -14.84 -31.40
N GLU C 247 4.86 -15.97 -30.69
CA GLU C 247 3.80 -16.96 -30.55
C GLU C 247 2.46 -16.35 -30.10
N ALA C 248 2.50 -15.48 -29.09
CA ALA C 248 1.28 -14.85 -28.61
C ALA C 248 0.58 -14.06 -29.71
N GLN C 249 1.35 -13.30 -30.48
CA GLN C 249 0.81 -12.49 -31.56
C GLN C 249 0.19 -13.36 -32.63
N VAL C 250 0.91 -14.42 -33.03
CA VAL C 250 0.43 -15.39 -34.00
C VAL C 250 -0.87 -16.02 -33.50
N ALA C 251 -0.85 -16.46 -32.24
CA ALA C 251 -2.00 -17.14 -31.64
C ALA C 251 -3.26 -16.28 -31.67
N ARG C 252 -3.14 -15.03 -31.23
CA ARG C 252 -4.27 -14.08 -31.25
C ARG C 252 -4.80 -13.96 -32.68
N MET C 253 -3.87 -13.79 -33.61
CA MET C 253 -4.16 -13.63 -35.02
C MET C 253 -4.85 -14.87 -35.62
N GLU C 254 -4.53 -16.06 -35.10
CA GLU C 254 -5.16 -17.30 -35.55
C GLU C 254 -6.35 -17.71 -34.69
N LYS C 255 -6.68 -16.90 -33.69
CA LYS C 255 -7.75 -17.18 -32.73
C LYS C 255 -7.65 -18.59 -32.15
N ARG C 256 -6.55 -18.85 -31.46
CA ARG C 256 -6.31 -20.13 -30.77
C ARG C 256 -5.46 -19.85 -29.54
N PRO C 257 -5.54 -20.73 -28.51
CA PRO C 257 -4.65 -20.55 -27.35
C PRO C 257 -3.17 -20.64 -27.75
N PRO C 258 -2.31 -19.80 -27.12
CA PRO C 258 -0.87 -19.86 -27.41
C PRO C 258 -0.21 -21.04 -26.72
N LYS C 259 0.80 -21.61 -27.36
CA LYS C 259 1.59 -22.68 -26.76
C LYS C 259 2.94 -22.11 -26.33
N PHE C 260 3.04 -21.71 -25.07
CA PHE C 260 4.26 -21.12 -24.57
C PHE C 260 5.39 -22.13 -24.28
N GLN C 261 6.62 -21.68 -24.46
CA GLN C 261 7.79 -22.55 -24.33
C GLN C 261 8.76 -22.09 -23.24
N GLY C 262 8.63 -20.84 -22.82
CA GLY C 262 9.52 -20.27 -21.80
C GLY C 262 10.87 -19.87 -22.37
N ALA C 263 10.85 -19.47 -23.64
CA ALA C 263 12.05 -19.07 -24.38
C ALA C 263 11.61 -18.28 -25.62
#